data_8ONC
#
_entry.id   8ONC
#
_cell.length_a   111.457
_cell.length_b   48.153
_cell.length_c   172.204
_cell.angle_alpha   90.00
_cell.angle_beta   107.11
_cell.angle_gamma   90.00
#
_symmetry.space_group_name_H-M   'I 1 2 1'
#
loop_
_entity.id
_entity.type
_entity.pdbx_description
1 polymer 'Cell wall surface anchor family protein'
2 non-polymer 1,2-ETHANEDIOL
3 water water
#
_entity_poly.entity_id   1
_entity_poly.type   'polypeptide(L)'
_entity_poly.pdbx_seq_one_letter_code
;GGTNDAFSLSFETNNTPRMTIDDVGRVGVGTTAPTSALHVIGTGEVARFVTSATGGVVIDSTALNYNPSLIYRKTNINRW
SMMVNAASETGGNAGSNLSILRYDDTGATLGAAVTIDRASGFFGINTAAPAYNIHVTGTAGLSTGSAWTVAS
;
_entity_poly.pdbx_strand_id   A,E,C,D,B,F
#
loop_
_chem_comp.id
_chem_comp.type
_chem_comp.name
_chem_comp.formula
EDO non-polymer 1,2-ETHANEDIOL 'C2 H6 O2'
#
# COMPACT_ATOMS: atom_id res chain seq x y z
N PHE A 7 3.69 37.76 46.53
CA PHE A 7 3.99 36.79 47.58
C PHE A 7 4.52 35.48 47.01
N SER A 8 5.50 34.89 47.69
CA SER A 8 6.02 33.57 47.35
C SER A 8 6.72 33.00 48.57
N LEU A 9 6.78 31.67 48.64
CA LEU A 9 7.60 31.00 49.62
C LEU A 9 8.73 30.28 48.91
N SER A 10 9.92 30.32 49.49
CA SER A 10 11.05 29.58 48.95
C SER A 10 11.61 28.67 50.04
N PHE A 11 11.95 27.44 49.66
CA PHE A 11 12.77 26.57 50.50
C PHE A 11 14.23 26.91 50.24
N GLU A 12 14.97 27.22 51.30
CA GLU A 12 16.35 27.73 51.18
C GLU A 12 17.33 26.72 51.76
N THR A 13 18.34 26.35 50.98
CA THR A 13 19.42 25.56 51.54
C THR A 13 20.74 26.30 51.34
N ASN A 14 21.71 25.99 52.21
CA ASN A 14 22.93 26.77 52.32
C ASN A 14 22.58 28.22 52.64
N ASN A 15 22.34 29.00 51.59
CA ASN A 15 21.83 30.36 51.75
C ASN A 15 21.06 30.81 50.51
N THR A 16 20.62 29.86 49.69
CA THR A 16 20.06 30.09 48.37
C THR A 16 18.68 29.46 48.27
N PRO A 17 17.72 30.16 47.68
CA PRO A 17 16.42 29.55 47.40
C PRO A 17 16.56 28.48 46.32
N ARG A 18 16.02 27.30 46.61
CA ARG A 18 16.08 26.14 45.73
C ARG A 18 14.76 25.82 45.07
N MET A 19 13.65 26.05 45.78
CA MET A 19 12.31 25.77 45.28
C MET A 19 11.39 26.87 45.78
N THR A 20 10.50 27.33 44.89
CA THR A 20 9.65 28.48 45.17
C THR A 20 8.22 28.17 44.75
N ILE A 21 7.27 28.59 45.58
CA ILE A 21 5.84 28.52 45.24
C ILE A 21 5.28 29.93 45.36
N ASP A 22 4.82 30.49 44.25
CA ASP A 22 4.35 31.86 44.25
C ASP A 22 2.84 31.92 44.52
N ASP A 23 2.30 33.14 44.57
CA ASP A 23 0.94 33.34 45.04
C ASP A 23 -0.11 32.79 44.07
N VAL A 24 0.24 32.60 42.79
CA VAL A 24 -0.70 32.02 41.83
C VAL A 24 -0.49 30.52 41.65
N GLY A 25 0.41 29.91 42.42
CA GLY A 25 0.55 28.47 42.42
C GLY A 25 1.59 27.90 41.49
N ARG A 26 2.47 28.72 40.93
CA ARG A 26 3.52 28.22 40.05
C ARG A 26 4.73 27.80 40.88
N VAL A 27 5.37 26.72 40.46
CA VAL A 27 6.48 26.11 41.19
C VAL A 27 7.75 26.30 40.38
N GLY A 28 8.75 26.92 41.00
CA GLY A 28 10.06 27.13 40.39
C GLY A 28 11.11 26.30 41.11
N VAL A 29 11.97 25.66 40.33
CA VAL A 29 13.13 24.93 40.84
C VAL A 29 14.36 25.57 40.23
N GLY A 30 15.12 26.30 41.04
CA GLY A 30 16.24 27.06 40.53
C GLY A 30 15.89 28.46 40.10
N THR A 31 14.63 28.86 40.19
CA THR A 31 14.20 30.22 39.90
C THR A 31 13.18 30.65 40.94
N THR A 32 13.27 31.91 41.36
CA THR A 32 12.27 32.49 42.26
C THR A 32 11.15 33.19 41.50
N ALA A 33 11.17 33.15 40.17
CA ALA A 33 10.13 33.76 39.34
C ALA A 33 9.67 32.76 38.29
N PRO A 34 8.96 31.70 38.70
CA PRO A 34 8.47 30.73 37.71
C PRO A 34 7.42 31.34 36.82
N THR A 35 7.49 31.00 35.53
CA THR A 35 6.54 31.49 34.53
C THR A 35 5.60 30.42 34.01
N SER A 36 5.70 29.20 34.51
CA SER A 36 4.76 28.14 34.19
C SER A 36 4.48 27.35 35.46
N ALA A 37 3.51 26.44 35.37
CA ALA A 37 3.11 25.66 36.55
C ALA A 37 4.31 24.98 37.20
N LEU A 38 5.19 24.39 36.39
CA LEU A 38 6.48 23.90 36.84
C LEU A 38 7.56 24.51 35.96
N HIS A 39 8.57 25.10 36.59
CA HIS A 39 9.61 25.85 35.88
C HIS A 39 10.95 25.49 36.51
N VAL A 40 11.78 24.75 35.77
CA VAL A 40 13.02 24.18 36.30
C VAL A 40 14.20 24.75 35.53
N ILE A 41 15.23 25.19 36.25
CA ILE A 41 16.45 25.73 35.67
C ILE A 41 17.61 24.82 36.07
N GLY A 42 18.50 24.54 35.12
CA GLY A 42 19.67 23.73 35.39
C GLY A 42 20.71 23.94 34.32
N THR A 43 21.83 23.24 34.48
CA THR A 43 22.94 23.28 33.54
C THR A 43 23.13 21.88 32.97
N GLY A 44 22.71 21.69 31.71
CA GLY A 44 22.84 20.42 31.04
C GLY A 44 21.73 19.45 31.40
N GLU A 45 21.92 18.65 32.45
CA GLU A 45 20.91 17.68 32.87
C GLU A 45 19.92 18.39 33.79
N VAL A 46 18.88 18.97 33.18
CA VAL A 46 17.91 19.78 33.90
C VAL A 46 16.91 18.89 34.64
N ALA A 47 16.31 17.92 33.94
CA ALA A 47 15.33 17.04 34.55
C ALA A 47 15.59 15.62 34.08
N ARG A 48 15.45 14.68 35.01
CA ARG A 48 15.65 13.26 34.71
C ARG A 48 14.47 12.48 35.26
N PHE A 49 13.81 11.72 34.39
CA PHE A 49 12.65 10.93 34.75
C PHE A 49 12.99 9.46 34.55
N VAL A 50 13.07 8.72 35.65
CA VAL A 50 13.57 7.35 35.64
C VAL A 50 12.40 6.41 35.92
N THR A 51 12.20 5.44 35.03
CA THR A 51 11.15 4.44 35.18
C THR A 51 11.76 3.07 35.48
N SER A 52 11.24 2.40 36.50
CA SER A 52 11.64 1.05 36.84
C SER A 52 10.76 0.01 36.15
N ALA A 53 10.02 0.43 35.12
CA ALA A 53 9.31 -0.46 34.22
C ALA A 53 9.26 0.24 32.87
N THR A 54 8.60 -0.38 31.90
CA THR A 54 8.41 0.29 30.62
C THR A 54 7.44 1.46 30.79
N GLY A 55 7.84 2.63 30.33
CA GLY A 55 7.04 3.84 30.50
C GLY A 55 7.90 5.07 30.36
N GLY A 56 7.45 6.15 31.02
CA GLY A 56 8.20 7.39 31.01
C GLY A 56 7.38 8.65 31.24
N VAL A 57 7.34 9.53 30.25
CA VAL A 57 6.74 10.85 30.38
C VAL A 57 5.46 10.90 29.54
N VAL A 58 4.40 11.47 30.12
CA VAL A 58 3.12 11.60 29.45
C VAL A 58 2.78 13.08 29.32
N ILE A 59 2.50 13.52 28.09
CA ILE A 59 1.92 14.83 27.83
C ILE A 59 0.47 14.61 27.42
N ASP A 60 -0.45 15.19 28.17
CA ASP A 60 -1.87 14.91 28.04
C ASP A 60 -2.65 16.21 28.00
N SER A 61 -3.81 16.17 27.34
CA SER A 61 -4.71 17.31 27.27
C SER A 61 -6.07 16.91 27.83
N THR A 62 -6.82 17.92 28.28
CA THR A 62 -8.11 17.66 28.92
C THR A 62 -9.25 17.54 27.91
N ALA A 63 -9.00 17.79 26.63
CA ALA A 63 -10.06 17.71 25.63
C ALA A 63 -9.45 17.37 24.28
N LEU A 64 -10.28 16.81 23.40
CA LEU A 64 -9.79 16.34 22.11
C LEU A 64 -9.34 17.51 21.23
N ASN A 65 -9.89 18.70 21.45
CA ASN A 65 -9.52 19.85 20.65
C ASN A 65 -8.34 20.62 21.24
N TYR A 66 -7.79 20.18 22.36
CA TYR A 66 -6.56 20.72 22.91
C TYR A 66 -5.41 19.83 22.50
N ASN A 67 -4.29 20.45 22.11
CA ASN A 67 -3.20 19.73 21.48
C ASN A 67 -2.01 19.58 22.41
N PRO A 68 -1.67 18.38 22.86
CA PRO A 68 -0.46 18.19 23.67
C PRO A 68 0.80 18.34 22.81
N SER A 69 1.80 19.03 23.36
CA SER A 69 2.93 19.45 22.56
C SER A 69 4.23 19.37 23.35
N LEU A 70 5.31 19.00 22.65
CA LEU A 70 6.67 19.15 23.14
C LEU A 70 7.32 20.25 22.32
N ILE A 71 7.79 21.30 23.00
CA ILE A 71 8.24 22.52 22.34
C ILE A 71 9.71 22.77 22.67
N TYR A 72 10.52 22.96 21.63
CA TYR A 72 11.93 23.31 21.76
C TYR A 72 12.11 24.79 21.46
N ARG A 73 12.70 25.51 22.42
CA ARG A 73 12.98 26.94 22.32
C ARG A 73 14.46 27.20 22.56
N LYS A 74 14.93 28.35 22.04
CA LYS A 74 16.23 28.91 22.37
C LYS A 74 16.03 30.36 22.76
N THR A 75 16.59 30.75 23.91
CA THR A 75 16.32 32.05 24.52
C THR A 75 14.82 32.32 24.59
N ASN A 76 14.05 31.27 24.89
CA ASN A 76 12.60 31.32 25.04
C ASN A 76 11.89 31.76 23.75
N ILE A 77 12.48 31.42 22.60
CA ILE A 77 11.84 31.64 21.30
C ILE A 77 11.63 30.30 20.63
N ASN A 78 10.42 30.06 20.15
CA ASN A 78 10.08 28.78 19.51
C ASN A 78 11.04 28.48 18.38
N ARG A 79 11.51 27.23 18.35
CA ARG A 79 12.30 26.72 17.24
C ARG A 79 11.67 25.49 16.61
N TRP A 80 11.24 24.52 17.43
CA TRP A 80 10.61 23.34 16.87
C TRP A 80 9.53 22.86 17.83
N SER A 81 8.64 22.02 17.33
N SER A 81 8.64 22.02 17.33
CA SER A 81 7.66 21.39 18.22
CA SER A 81 7.65 21.39 18.20
C SER A 81 7.17 20.09 17.59
C SER A 81 7.18 20.09 17.58
N MET A 82 6.83 19.15 18.45
CA MET A 82 6.21 17.89 18.04
C MET A 82 4.92 17.75 18.82
N MET A 83 3.80 17.63 18.10
CA MET A 83 2.50 17.77 18.74
C MET A 83 1.50 16.85 18.08
N VAL A 84 0.40 16.61 18.78
CA VAL A 84 -0.76 15.92 18.23
C VAL A 84 -1.76 17.00 17.84
N ASN A 85 -2.10 17.06 16.55
CA ASN A 85 -2.87 18.19 16.05
C ASN A 85 -4.36 18.01 16.36
N ALA A 86 -5.15 18.99 15.93
CA ALA A 86 -6.57 19.07 16.28
C ALA A 86 -7.48 18.55 15.18
N ALA A 87 -6.97 17.74 14.26
CA ALA A 87 -7.83 17.13 13.26
C ALA A 87 -8.92 16.33 13.95
N SER A 88 -10.15 16.48 13.45
CA SER A 88 -11.32 15.95 14.15
C SER A 88 -11.30 14.43 14.19
N GLU A 89 -11.63 13.87 15.35
CA GLU A 89 -11.73 12.43 15.53
C GLU A 89 -13.14 12.01 15.14
N THR A 90 -13.33 11.76 13.85
CA THR A 90 -14.64 11.46 13.27
C THR A 90 -14.96 9.97 13.26
N GLY A 91 -14.07 9.12 13.79
CA GLY A 91 -14.29 7.69 13.75
C GLY A 91 -13.25 6.97 12.91
N GLY A 92 -13.09 5.67 13.15
CA GLY A 92 -12.12 4.90 12.41
C GLY A 92 -10.70 5.39 12.59
N ASN A 93 -10.40 5.94 13.77
CA ASN A 93 -9.08 6.45 14.14
C ASN A 93 -8.65 7.66 13.33
N ALA A 94 -9.60 8.36 12.71
CA ALA A 94 -9.27 9.61 12.06
C ALA A 94 -8.96 10.69 13.09
N GLY A 95 -8.23 11.71 12.66
CA GLY A 95 -7.91 12.84 13.50
C GLY A 95 -6.77 12.58 14.46
N SER A 96 -6.40 13.64 15.19
CA SER A 96 -5.30 13.62 16.15
C SER A 96 -4.03 13.01 15.55
N ASN A 97 -3.55 13.65 14.49
CA ASN A 97 -2.37 13.20 13.79
C ASN A 97 -1.12 13.88 14.34
N LEU A 98 0.03 13.26 14.09
CA LEU A 98 1.28 13.76 14.66
C LEU A 98 1.90 14.78 13.70
N SER A 99 2.39 15.90 14.22
CA SER A 99 2.98 16.93 13.39
C SER A 99 4.24 17.46 14.02
N ILE A 100 5.24 17.70 13.18
CA ILE A 100 6.46 18.39 13.58
C ILE A 100 6.46 19.76 12.91
N LEU A 101 6.42 20.80 13.74
CA LEU A 101 6.35 22.18 13.30
C LEU A 101 7.71 22.84 13.47
N ARG A 102 8.07 23.68 12.49
CA ARG A 102 9.26 24.52 12.54
C ARG A 102 8.83 25.99 12.69
N TYR A 103 9.71 26.77 13.30
CA TYR A 103 9.42 28.17 13.61
C TYR A 103 10.57 29.04 13.12
N ASP A 104 10.26 30.28 12.75
CA ASP A 104 11.28 31.19 12.26
C ASP A 104 12.03 31.83 13.42
N ASP A 105 12.98 32.72 13.09
CA ASP A 105 13.90 33.24 14.09
C ASP A 105 13.18 34.06 15.16
N THR A 106 12.00 34.60 14.87
CA THR A 106 11.23 35.34 15.85
C THR A 106 10.19 34.48 16.56
N GLY A 107 10.11 33.19 16.24
CA GLY A 107 9.18 32.31 16.90
C GLY A 107 7.86 32.11 16.20
N ALA A 108 7.65 32.72 15.03
CA ALA A 108 6.43 32.53 14.27
C ALA A 108 6.49 31.21 13.51
N THR A 109 5.33 30.55 13.40
CA THR A 109 5.29 29.23 12.79
C THR A 109 5.57 29.31 11.29
N LEU A 110 6.39 28.37 10.80
CA LEU A 110 6.63 28.21 9.38
C LEU A 110 5.88 27.02 8.79
N GLY A 111 5.15 26.27 9.60
CA GLY A 111 4.32 25.19 9.12
C GLY A 111 4.84 23.84 9.58
N ALA A 112 4.11 22.81 9.18
CA ALA A 112 4.42 21.43 9.54
C ALA A 112 5.40 20.85 8.54
N ALA A 113 6.61 20.52 9.02
CA ALA A 113 7.56 19.83 8.15
C ALA A 113 7.16 18.38 7.93
N VAL A 114 6.56 17.75 8.94
CA VAL A 114 6.18 16.34 8.88
C VAL A 114 4.79 16.18 9.49
N THR A 115 3.97 15.32 8.88
CA THR A 115 2.65 14.96 9.39
C THR A 115 2.46 13.46 9.23
N ILE A 116 2.21 12.76 10.33
CA ILE A 116 1.94 11.32 10.31
C ILE A 116 0.47 11.10 10.62
N ASP A 117 -0.21 10.39 9.70
CA ASP A 117 -1.63 10.09 9.84
C ASP A 117 -1.82 8.93 10.82
N ARG A 118 -2.70 9.13 11.80
CA ARG A 118 -2.89 8.12 12.84
C ARG A 118 -3.65 6.91 12.33
N ALA A 119 -4.63 7.12 11.46
CA ALA A 119 -5.46 6.01 10.99
C ALA A 119 -4.68 5.07 10.08
N SER A 120 -3.79 5.62 9.25
CA SER A 120 -3.09 4.84 8.24
C SER A 120 -1.62 4.64 8.52
N GLY A 121 -1.01 5.48 9.35
CA GLY A 121 0.43 5.47 9.51
C GLY A 121 1.20 6.19 8.42
N PHE A 122 0.51 6.79 7.45
CA PHE A 122 1.18 7.42 6.31
C PHE A 122 2.02 8.60 6.75
N PHE A 123 3.23 8.67 6.22
CA PHE A 123 4.25 9.64 6.62
C PHE A 123 4.36 10.71 5.54
N GLY A 124 3.92 11.93 5.85
CA GLY A 124 3.91 13.02 4.89
C GLY A 124 5.01 14.02 5.22
N ILE A 125 5.82 14.32 4.20
CA ILE A 125 6.86 15.34 4.28
C ILE A 125 6.40 16.52 3.44
N ASN A 126 6.25 17.68 4.09
CA ASN A 126 5.68 18.87 3.44
C ASN A 126 4.31 18.57 2.86
N THR A 127 3.57 17.66 3.50
CA THR A 127 2.29 17.17 2.99
C THR A 127 1.31 17.07 4.14
N ALA A 128 0.23 17.85 4.10
CA ALA A 128 -0.71 17.87 5.21
C ALA A 128 -1.60 16.63 5.22
N ALA A 129 -1.89 16.06 4.07
CA ALA A 129 -2.76 14.87 3.96
C ALA A 129 -2.05 13.80 3.14
N PRO A 130 -1.13 13.07 3.76
CA PRO A 130 -0.40 12.03 3.02
C PRO A 130 -1.35 10.93 2.55
N ALA A 131 -1.18 10.52 1.29
CA ALA A 131 -2.02 9.50 0.67
C ALA A 131 -1.22 8.26 0.30
N TYR A 132 0.06 8.21 0.66
CA TYR A 132 0.92 7.06 0.40
C TYR A 132 1.74 6.82 1.65
N ASN A 133 2.31 5.61 1.76
CA ASN A 133 3.04 5.24 2.97
C ASN A 133 4.13 6.26 3.28
N ILE A 134 4.80 6.77 2.26
CA ILE A 134 5.53 8.03 2.35
C ILE A 134 5.04 8.92 1.23
N HIS A 135 4.82 10.20 1.55
CA HIS A 135 4.23 11.15 0.60
C HIS A 135 5.01 12.45 0.71
N VAL A 136 5.71 12.82 -0.35
CA VAL A 136 6.57 14.00 -0.37
C VAL A 136 6.01 14.99 -1.38
N THR A 137 5.80 16.23 -0.93
CA THR A 137 5.48 17.34 -1.81
C THR A 137 6.75 18.13 -2.08
N GLY A 138 7.24 18.06 -3.31
CA GLY A 138 8.48 18.71 -3.70
C GLY A 138 9.45 17.72 -4.34
N THR A 139 10.74 17.92 -4.06
CA THR A 139 11.80 17.18 -4.72
C THR A 139 12.33 16.06 -3.84
N ALA A 140 13.06 15.14 -4.46
CA ALA A 140 13.63 13.99 -3.78
C ALA A 140 15.05 13.76 -4.27
N GLY A 141 15.99 13.67 -3.34
CA GLY A 141 17.37 13.43 -3.69
C GLY A 141 17.94 12.17 -3.05
N LEU A 142 18.63 11.37 -3.86
CA LEU A 142 19.24 10.12 -3.41
C LEU A 142 20.69 10.11 -3.87
N SER A 143 21.61 9.82 -2.95
CA SER A 143 23.03 9.88 -3.29
C SER A 143 23.48 8.70 -4.15
N THR A 144 22.74 7.59 -4.16
CA THR A 144 23.20 6.37 -4.80
C THR A 144 22.51 6.05 -6.12
N GLY A 145 21.52 6.82 -6.53
CA GLY A 145 20.86 6.54 -7.79
C GLY A 145 19.55 7.29 -7.92
N SER A 146 18.83 7.00 -8.99
CA SER A 146 17.59 7.67 -9.31
C SER A 146 16.36 6.82 -9.05
N ALA A 147 16.53 5.56 -8.64
CA ALA A 147 15.42 4.65 -8.46
C ALA A 147 15.44 4.04 -7.07
N TRP A 148 14.26 3.66 -6.57
CA TRP A 148 14.18 2.79 -5.41
C TRP A 148 14.69 1.40 -5.79
N THR A 149 15.36 0.75 -4.84
CA THR A 149 15.60 -0.68 -4.98
C THR A 149 14.34 -1.42 -4.57
N VAL A 150 13.91 -2.37 -5.39
CA VAL A 150 12.74 -3.19 -5.06
C VAL A 150 13.10 -4.06 -3.86
N ALA A 151 12.48 -3.80 -2.72
CA ALA A 151 12.81 -4.50 -1.49
C ALA A 151 11.91 -5.72 -1.29
N PHE B 7 -17.12 -36.86 -45.49
CA PHE B 7 -16.44 -36.60 -46.77
C PHE B 7 -15.76 -35.23 -46.74
N SER B 8 -14.46 -35.16 -46.99
CA SER B 8 -13.72 -33.92 -46.80
C SER B 8 -12.64 -33.77 -47.86
N LEU B 9 -12.12 -32.55 -47.95
CA LEU B 9 -11.03 -32.19 -48.84
C LEU B 9 -9.81 -31.81 -48.01
N SER B 10 -8.63 -32.20 -48.47
CA SER B 10 -7.39 -31.88 -47.79
C SER B 10 -6.42 -31.22 -48.75
N PHE B 11 -5.77 -30.17 -48.26
CA PHE B 11 -4.65 -29.52 -48.95
C PHE B 11 -3.36 -30.12 -48.40
N GLU B 12 -2.63 -30.85 -49.22
CA GLU B 12 -1.39 -31.49 -48.80
C GLU B 12 -0.19 -30.75 -49.36
N THR B 13 0.80 -30.50 -48.51
CA THR B 13 2.07 -29.95 -48.99
C THR B 13 3.14 -31.00 -48.79
N ASN B 14 3.33 -31.84 -49.80
CA ASN B 14 4.30 -32.95 -49.65
C ASN B 14 3.66 -34.19 -49.04
N ASN B 15 2.59 -34.71 -49.65
CA ASN B 15 1.99 -36.00 -49.19
C ASN B 15 1.36 -35.84 -47.81
N THR B 16 1.50 -34.66 -47.20
CA THR B 16 1.00 -34.50 -45.81
C THR B 16 -0.19 -33.53 -45.75
N PRO B 17 -1.36 -33.95 -45.24
CA PRO B 17 -2.48 -33.04 -45.09
C PRO B 17 -2.16 -31.89 -44.13
N ARG B 18 -2.34 -30.64 -44.54
CA ARG B 18 -2.06 -29.48 -43.70
C ARG B 18 -3.32 -28.76 -43.28
N MET B 19 -4.32 -28.72 -44.15
CA MET B 19 -5.62 -28.15 -43.85
C MET B 19 -6.70 -29.04 -44.45
N THR B 20 -7.77 -29.26 -43.70
CA THR B 20 -8.86 -30.12 -44.11
C THR B 20 -10.19 -29.39 -43.95
N ILE B 21 -11.07 -29.57 -44.93
CA ILE B 21 -12.40 -28.97 -44.91
C ILE B 21 -13.41 -30.07 -45.19
N ASP B 22 -14.29 -30.36 -44.24
CA ASP B 22 -15.26 -31.44 -44.42
C ASP B 22 -16.60 -30.90 -44.88
N ASP B 23 -17.49 -31.82 -45.25
CA ASP B 23 -18.75 -31.42 -45.88
C ASP B 23 -19.68 -30.69 -44.93
N VAL B 24 -19.50 -30.80 -43.62
CA VAL B 24 -20.36 -30.11 -42.69
C VAL B 24 -19.74 -28.77 -42.30
N GLY B 25 -18.64 -28.43 -42.95
CA GLY B 25 -18.08 -27.11 -42.87
C GLY B 25 -16.98 -26.89 -41.85
N ARG B 26 -16.47 -27.95 -41.23
CA ARG B 26 -15.45 -27.81 -40.21
C ARG B 26 -14.08 -27.78 -40.86
N VAL B 27 -13.21 -26.90 -40.35
CA VAL B 27 -11.87 -26.70 -40.89
C VAL B 27 -10.87 -27.14 -39.83
N GLY B 28 -10.01 -28.09 -40.21
CA GLY B 28 -8.96 -28.59 -39.33
C GLY B 28 -7.60 -28.13 -39.83
N VAL B 29 -6.82 -27.58 -38.92
CA VAL B 29 -5.42 -27.21 -39.18
C VAL B 29 -4.56 -28.10 -38.31
N GLY B 30 -3.88 -29.06 -38.93
CA GLY B 30 -3.13 -30.05 -38.20
C GLY B 30 -3.91 -31.29 -37.82
N THR B 31 -5.21 -31.33 -38.13
CA THR B 31 -6.02 -32.51 -37.91
C THR B 31 -6.88 -32.75 -39.14
N THR B 32 -7.04 -34.02 -39.51
CA THR B 32 -7.93 -34.41 -40.59
C THR B 32 -9.34 -34.73 -40.10
N ALA B 33 -9.59 -34.63 -38.80
CA ALA B 33 -10.90 -34.88 -38.21
C ALA B 33 -11.28 -33.73 -37.28
N PRO B 34 -11.57 -32.55 -37.84
CA PRO B 34 -11.95 -31.42 -36.99
C PRO B 34 -13.28 -31.67 -36.30
N THR B 35 -13.37 -31.23 -35.05
CA THR B 35 -14.58 -31.38 -34.25
C THR B 35 -15.29 -30.06 -33.99
N SER B 36 -14.78 -28.96 -34.54
CA SER B 36 -15.42 -27.66 -34.43
C SER B 36 -15.22 -26.92 -35.75
N ALA B 37 -15.90 -25.77 -35.88
CA ALA B 37 -15.85 -25.01 -37.12
C ALA B 37 -14.41 -24.68 -37.51
N LEU B 38 -13.59 -24.33 -36.53
CA LEU B 38 -12.14 -24.21 -36.70
C LEU B 38 -11.46 -24.99 -35.60
N HIS B 39 -10.57 -25.90 -35.99
CA HIS B 39 -9.92 -26.80 -35.03
C HIS B 39 -8.44 -26.82 -35.37
N VAL B 40 -7.62 -26.25 -34.49
CA VAL B 40 -6.19 -26.11 -34.71
C VAL B 40 -5.44 -26.87 -33.64
N ILE B 41 -4.48 -27.69 -34.04
CA ILE B 41 -3.62 -28.43 -33.12
C ILE B 41 -2.18 -27.98 -33.33
N GLY B 42 -1.44 -27.91 -32.23
CA GLY B 42 -0.05 -27.52 -32.31
C GLY B 42 0.64 -27.73 -30.98
N THR B 43 1.81 -27.13 -30.83
CA THR B 43 2.57 -27.23 -29.60
C THR B 43 2.98 -25.83 -29.15
N GLY B 44 2.64 -25.49 -27.91
CA GLY B 44 2.95 -24.17 -27.38
C GLY B 44 2.06 -23.10 -27.95
N GLU B 45 2.66 -22.15 -28.66
CA GLU B 45 1.90 -21.05 -29.32
C GLU B 45 1.16 -21.65 -30.53
N VAL B 46 -0.09 -22.02 -30.31
CA VAL B 46 -0.88 -22.69 -31.34
C VAL B 46 -1.46 -21.68 -32.33
N ALA B 47 -2.07 -20.62 -31.81
CA ALA B 47 -2.68 -19.59 -32.64
C ALA B 47 -2.17 -18.22 -32.21
N ARG B 48 -1.89 -17.38 -33.20
CA ARG B 48 -1.35 -16.04 -32.97
C ARG B 48 -2.21 -15.05 -33.74
N PHE B 49 -2.76 -14.07 -33.03
CA PHE B 49 -3.59 -13.03 -33.64
C PHE B 49 -2.92 -11.69 -33.40
N VAL B 50 -2.50 -11.04 -34.48
CA VAL B 50 -1.69 -9.83 -34.41
C VAL B 50 -2.48 -8.67 -34.98
N THR B 51 -2.60 -7.60 -34.21
CA THR B 51 -3.31 -6.40 -34.60
C THR B 51 -2.33 -5.24 -34.79
N SER B 52 -2.46 -4.54 -35.91
CA SER B 52 -1.69 -3.33 -36.15
C SER B 52 -2.48 -2.08 -35.79
N ALA B 53 -3.52 -2.25 -34.98
CA ALA B 53 -4.24 -1.17 -34.32
C ALA B 53 -4.78 -1.75 -33.03
N THR B 54 -5.61 -0.98 -32.33
CA THR B 54 -6.28 -1.53 -31.16
C THR B 54 -7.33 -2.54 -31.58
N GLY B 55 -7.29 -3.72 -30.99
CA GLY B 55 -8.23 -4.78 -31.33
C GLY B 55 -7.64 -6.14 -31.00
N GLY B 56 -8.14 -7.16 -31.70
CA GLY B 56 -7.66 -8.51 -31.51
C GLY B 56 -8.68 -9.58 -31.83
N VAL B 57 -9.04 -10.37 -30.81
CA VAL B 57 -9.97 -11.49 -30.97
C VAL B 57 -11.34 -11.06 -30.47
N VAL B 58 -12.37 -11.36 -31.27
CA VAL B 58 -13.76 -11.08 -30.92
C VAL B 58 -14.50 -12.40 -30.77
N ILE B 59 -15.17 -12.58 -29.63
CA ILE B 59 -16.09 -13.70 -29.42
C ILE B 59 -17.49 -13.11 -29.38
N ASP B 60 -18.35 -13.55 -30.31
CA ASP B 60 -19.64 -12.96 -30.54
C ASP B 60 -20.70 -14.06 -30.62
N SER B 61 -21.96 -13.68 -30.44
CA SER B 61 -23.08 -14.61 -30.53
C SER B 61 -24.11 -14.09 -31.53
N THR B 62 -24.94 -15.01 -32.02
CA THR B 62 -25.95 -14.67 -33.01
C THR B 62 -27.23 -14.10 -32.39
N ALA B 63 -27.38 -14.21 -31.08
CA ALA B 63 -28.59 -13.75 -30.41
C ALA B 63 -28.24 -13.34 -28.98
N LEU B 64 -29.07 -12.46 -28.42
CA LEU B 64 -28.89 -12.05 -27.03
C LEU B 64 -29.02 -13.23 -26.06
N ASN B 65 -29.69 -14.31 -26.49
CA ASN B 65 -29.91 -15.47 -25.64
C ASN B 65 -28.73 -16.42 -25.62
N TYR B 66 -27.73 -16.22 -26.48
CA TYR B 66 -26.56 -17.08 -26.57
C TYR B 66 -25.36 -16.37 -25.95
N ASN B 67 -24.53 -17.14 -25.24
CA ASN B 67 -23.49 -16.55 -24.40
C ASN B 67 -22.11 -16.79 -24.99
N PRO B 68 -21.42 -15.74 -25.44
CA PRO B 68 -20.03 -15.91 -25.90
C PRO B 68 -19.13 -16.25 -24.73
N SER B 69 -18.24 -17.22 -24.95
N SER B 69 -18.23 -17.22 -24.96
CA SER B 69 -17.43 -17.78 -23.87
CA SER B 69 -17.43 -17.78 -23.89
C SER B 69 -16.02 -18.08 -24.36
C SER B 69 -16.02 -18.08 -24.36
N LEU B 70 -15.06 -17.88 -23.46
CA LEU B 70 -13.70 -18.36 -23.62
C LEU B 70 -13.52 -19.48 -22.61
N ILE B 71 -13.25 -20.70 -23.09
CA ILE B 71 -13.27 -21.89 -22.26
C ILE B 71 -11.88 -22.52 -22.22
N TYR B 72 -11.37 -22.74 -21.01
CA TYR B 72 -10.11 -23.42 -20.77
C TYR B 72 -10.38 -24.86 -20.36
N ARG B 73 -9.77 -25.80 -21.10
CA ARG B 73 -9.93 -27.22 -20.88
C ARG B 73 -8.55 -27.88 -20.75
N LYS B 74 -8.53 -29.03 -20.07
CA LYS B 74 -7.39 -29.94 -20.04
C LYS B 74 -7.90 -31.33 -20.36
N THR B 75 -7.24 -32.00 -21.32
CA THR B 75 -7.72 -33.27 -21.87
C THR B 75 -9.17 -33.15 -22.31
N ASN B 76 -9.51 -31.98 -22.85
CA ASN B 76 -10.86 -31.66 -23.36
C ASN B 76 -11.92 -31.76 -22.27
N ILE B 77 -11.55 -31.45 -21.03
CA ILE B 77 -12.49 -31.36 -19.93
C ILE B 77 -12.48 -29.93 -19.40
N ASN B 78 -13.67 -29.33 -19.28
CA ASN B 78 -13.78 -27.96 -18.81
C ASN B 78 -13.08 -27.77 -17.48
N ARG B 79 -12.29 -26.70 -17.39
CA ARG B 79 -11.70 -26.28 -16.12
C ARG B 79 -12.11 -24.87 -15.75
N TRP B 80 -12.04 -23.92 -16.68
CA TRP B 80 -12.47 -22.56 -16.35
C TRP B 80 -13.13 -21.92 -17.57
N SER B 81 -13.90 -20.87 -17.33
CA SER B 81 -14.43 -20.12 -18.45
C SER B 81 -14.67 -18.67 -18.05
N MET B 82 -14.51 -17.78 -19.02
CA MET B 82 -14.91 -16.38 -18.89
C MET B 82 -15.95 -16.09 -19.96
N MET B 83 -17.14 -15.66 -19.54
CA MET B 83 -18.25 -15.57 -20.48
C MET B 83 -19.17 -14.41 -20.11
N VAL B 84 -19.96 -14.00 -21.09
CA VAL B 84 -21.02 -13.02 -20.88
C VAL B 84 -22.32 -13.79 -20.68
N ASN B 85 -22.93 -13.63 -19.51
CA ASN B 85 -24.03 -14.50 -19.13
C ASN B 85 -25.34 -14.09 -19.81
N ALA B 86 -26.41 -14.80 -19.47
CA ALA B 86 -27.70 -14.64 -20.16
C ALA B 86 -28.70 -13.83 -19.37
N ALA B 87 -28.25 -13.01 -18.41
CA ALA B 87 -29.15 -12.06 -17.78
C ALA B 87 -29.80 -11.19 -18.84
N SER B 88 -31.11 -10.96 -18.70
CA SER B 88 -31.89 -10.39 -19.78
C SER B 88 -31.53 -8.92 -20.02
N GLU B 89 -31.41 -8.56 -21.30
CA GLU B 89 -31.12 -7.18 -21.70
C GLU B 89 -32.45 -6.44 -21.86
N THR B 90 -32.99 -5.98 -20.74
CA THR B 90 -34.29 -5.33 -20.71
C THR B 90 -34.21 -3.82 -20.86
N GLY B 91 -33.00 -3.26 -21.00
CA GLY B 91 -32.85 -1.83 -21.16
C GLY B 91 -31.99 -1.22 -20.08
N GLY B 92 -31.46 -0.02 -20.34
CA GLY B 92 -30.62 0.65 -19.35
C GLY B 92 -29.35 -0.10 -19.02
N ASN B 93 -28.80 -0.85 -19.98
CA ASN B 93 -27.57 -1.62 -19.82
C ASN B 93 -27.72 -2.79 -18.86
N ALA B 94 -28.95 -3.21 -18.58
CA ALA B 94 -29.18 -4.41 -17.78
C ALA B 94 -28.81 -5.66 -18.58
N GLY B 95 -28.45 -6.72 -17.85
CA GLY B 95 -28.17 -8.00 -18.46
C GLY B 95 -26.78 -8.09 -19.08
N SER B 96 -26.47 -9.29 -19.55
CA SER B 96 -25.21 -9.59 -20.22
C SER B 96 -24.01 -9.19 -19.34
N ASN B 97 -23.94 -9.80 -18.17
CA ASN B 97 -22.89 -9.50 -17.21
C ASN B 97 -21.73 -10.48 -17.38
N LEU B 98 -20.56 -10.11 -16.87
CA LEU B 98 -19.37 -10.92 -17.07
C LEU B 98 -19.21 -11.90 -15.92
N SER B 99 -18.87 -13.15 -16.26
CA SER B 99 -18.75 -14.18 -15.24
C SER B 99 -17.52 -15.03 -15.50
N ILE B 100 -16.80 -15.31 -14.42
CA ILE B 100 -15.74 -16.32 -14.41
C ILE B 100 -16.27 -17.51 -13.64
N LEU B 101 -16.36 -18.64 -14.36
CA LEU B 101 -16.94 -19.90 -13.90
C LEU B 101 -15.84 -20.95 -13.73
N ARG B 102 -15.98 -21.76 -12.69
CA ARG B 102 -15.11 -22.89 -12.42
C ARG B 102 -15.88 -24.19 -12.65
N TYR B 103 -15.14 -25.27 -12.95
CA TYR B 103 -15.73 -26.55 -13.28
C TYR B 103 -15.02 -27.65 -12.49
N ASP B 104 -15.76 -28.71 -12.19
CA ASP B 104 -15.17 -29.79 -11.42
C ASP B 104 -14.32 -30.69 -12.32
N ASP B 105 -13.72 -31.72 -11.72
CA ASP B 105 -12.76 -32.55 -12.45
C ASP B 105 -13.36 -33.27 -13.64
N THR B 106 -14.68 -33.45 -13.67
CA THR B 106 -15.35 -34.07 -14.80
C THR B 106 -15.94 -33.06 -15.77
N GLY B 107 -15.75 -31.76 -15.53
CA GLY B 107 -16.22 -30.74 -16.41
C GLY B 107 -17.59 -30.17 -16.09
N ALA B 108 -18.20 -30.57 -14.98
CA ALA B 108 -19.48 -30.01 -14.57
C ALA B 108 -19.28 -28.68 -13.86
N THR B 109 -20.22 -27.77 -14.08
CA THR B 109 -20.07 -26.42 -13.55
C THR B 109 -20.15 -26.39 -12.03
N LEU B 110 -19.31 -25.57 -11.42
CA LEU B 110 -19.33 -25.33 -9.98
C LEU B 110 -19.83 -23.94 -9.63
N GLY B 111 -20.19 -23.13 -10.62
CA GLY B 111 -20.73 -21.80 -10.39
C GLY B 111 -19.74 -20.71 -10.75
N ALA B 112 -20.23 -19.48 -10.64
CA ALA B 112 -19.46 -18.30 -11.00
C ALA B 112 -18.62 -17.87 -9.81
N ALA B 113 -17.30 -17.98 -9.96
CA ALA B 113 -16.42 -17.44 -8.93
C ALA B 113 -16.44 -15.92 -8.96
N VAL B 114 -16.60 -15.32 -10.13
CA VAL B 114 -16.63 -13.85 -10.22
C VAL B 114 -17.78 -13.43 -11.12
N THR B 115 -18.48 -12.36 -10.74
CA THR B 115 -19.53 -11.77 -11.57
C THR B 115 -19.40 -10.25 -11.54
N ILE B 116 -19.29 -9.63 -12.70
CA ILE B 116 -19.23 -8.18 -12.82
C ILE B 116 -20.49 -7.69 -13.53
N ASP B 117 -21.20 -6.77 -12.90
CA ASP B 117 -22.41 -6.19 -13.45
C ASP B 117 -22.07 -5.15 -14.52
N ARG B 118 -22.73 -5.26 -15.68
CA ARG B 118 -22.42 -4.34 -16.77
C ARG B 118 -22.98 -2.95 -16.51
N ALA B 119 -24.20 -2.87 -15.97
CA ALA B 119 -24.85 -1.57 -15.81
C ALA B 119 -24.14 -0.72 -14.76
N SER B 120 -23.68 -1.35 -13.68
CA SER B 120 -23.10 -0.63 -12.55
C SER B 120 -21.58 -0.75 -12.45
N GLY B 121 -20.99 -1.78 -13.06
CA GLY B 121 -19.59 -2.08 -12.84
C GLY B 121 -19.29 -2.80 -11.55
N PHE B 122 -20.31 -3.15 -10.77
CA PHE B 122 -20.09 -3.75 -9.46
C PHE B 122 -19.44 -5.13 -9.59
N PHE B 123 -18.45 -5.37 -8.73
CA PHE B 123 -17.59 -6.56 -8.78
C PHE B 123 -17.98 -7.49 -7.64
N GLY B 124 -18.56 -8.64 -7.98
CA GLY B 124 -19.04 -9.58 -6.99
C GLY B 124 -18.19 -10.84 -6.98
N ILE B 125 -17.77 -11.23 -5.78
CA ILE B 125 -17.02 -12.45 -5.55
C ILE B 125 -17.93 -13.40 -4.80
N ASN B 126 -18.18 -14.57 -5.39
CA ASN B 126 -19.15 -15.53 -4.85
C ASN B 126 -20.51 -14.88 -4.68
N THR B 127 -20.83 -13.91 -5.53
CA THR B 127 -22.05 -13.12 -5.41
C THR B 127 -22.64 -12.94 -6.81
N ALA B 128 -23.82 -13.51 -7.04
CA ALA B 128 -24.42 -13.46 -8.37
C ALA B 128 -24.96 -12.07 -8.69
N ALA B 129 -25.43 -11.33 -7.69
CA ALA B 129 -26.02 -10.01 -7.89
C ALA B 129 -25.33 -9.01 -6.99
N PRO B 130 -24.15 -8.54 -7.39
CA PRO B 130 -23.42 -7.57 -6.54
C PRO B 130 -24.19 -6.27 -6.40
N ALA B 131 -24.21 -5.76 -5.17
CA ALA B 131 -24.89 -4.51 -4.84
C ALA B 131 -23.95 -3.43 -4.34
N TYR B 132 -22.64 -3.70 -4.33
CA TYR B 132 -21.64 -2.71 -3.95
C TYR B 132 -20.51 -2.82 -4.97
N ASN B 133 -19.68 -1.78 -5.04
CA ASN B 133 -18.60 -1.76 -6.03
C ASN B 133 -17.71 -2.99 -5.89
N ILE B 134 -17.50 -3.45 -4.66
CA ILE B 134 -17.05 -4.80 -4.39
C ILE B 134 -18.04 -5.43 -3.42
N HIS B 135 -18.47 -6.65 -3.73
CA HIS B 135 -19.47 -7.34 -2.93
C HIS B 135 -19.01 -8.79 -2.78
N VAL B 136 -18.67 -9.17 -1.55
CA VAL B 136 -18.15 -10.50 -1.25
C VAL B 136 -19.17 -11.23 -0.40
N THR B 137 -19.48 -12.46 -0.79
CA THR B 137 -20.27 -13.37 0.03
C THR B 137 -19.32 -14.38 0.65
N GLY B 138 -19.18 -14.34 1.97
CA GLY B 138 -18.27 -15.20 2.69
C GLY B 138 -17.28 -14.39 3.52
N THR B 139 -16.05 -14.89 3.60
CA THR B 139 -15.01 -14.29 4.42
C THR B 139 -14.08 -13.41 3.59
N ALA B 140 -13.37 -12.54 4.29
CA ALA B 140 -12.45 -11.59 3.67
C ALA B 140 -11.19 -11.53 4.51
N GLY B 141 -10.05 -11.87 3.91
CA GLY B 141 -8.78 -11.92 4.61
C GLY B 141 -7.81 -10.87 4.07
N LEU B 142 -7.20 -10.14 5.00
CA LEU B 142 -6.21 -9.12 4.69
C LEU B 142 -4.98 -9.36 5.56
N SER B 143 -3.81 -9.45 4.93
CA SER B 143 -2.61 -9.84 5.67
C SER B 143 -2.10 -8.73 6.59
N THR B 144 -2.52 -7.48 6.40
CA THR B 144 -1.93 -6.35 7.12
C THR B 144 -2.84 -5.72 8.16
N GLY B 145 -4.12 -6.10 8.23
CA GLY B 145 -4.99 -5.50 9.21
C GLY B 145 -6.43 -5.89 8.96
N SER B 146 -7.32 -5.22 9.69
CA SER B 146 -8.75 -5.50 9.64
C SER B 146 -9.55 -4.39 8.98
N ALA B 147 -8.92 -3.29 8.59
CA ALA B 147 -9.63 -2.13 8.07
C ALA B 147 -9.16 -1.79 6.67
N TRP B 148 -10.08 -1.23 5.88
CA TRP B 148 -9.68 -0.51 4.67
C TRP B 148 -8.99 0.79 5.05
N THR B 149 -7.98 1.17 4.27
CA THR B 149 -7.45 2.52 4.39
C THR B 149 -8.31 3.46 3.55
N VAL B 150 -8.75 4.56 4.16
CA VAL B 150 -9.58 5.53 3.45
C VAL B 150 -8.72 6.17 2.36
N ALA B 151 -9.04 5.90 1.10
CA ALA B 151 -8.25 6.43 -0.01
C ALA B 151 -8.81 7.77 -0.48
N PHE C 7 -3.64 9.81 52.14
CA PHE C 7 -3.08 10.65 53.20
C PHE C 7 -1.89 11.44 52.64
N SER C 8 -1.98 12.77 52.68
CA SER C 8 -1.03 13.60 51.95
C SER C 8 -0.87 14.95 52.63
N LEU C 9 0.19 15.65 52.23
CA LEU C 9 0.50 17.01 52.66
C LEU C 9 0.35 17.97 51.49
N SER C 10 -0.16 19.16 51.76
CA SER C 10 -0.28 20.19 50.73
C SER C 10 0.36 21.48 51.19
N PHE C 11 1.09 22.11 50.27
CA PHE C 11 1.59 23.48 50.46
C PHE C 11 0.57 24.42 49.84
N GLU C 12 0.09 25.39 50.62
CA GLU C 12 -0.92 26.32 50.16
C GLU C 12 -0.41 27.75 50.11
N THR C 13 -0.84 28.47 49.07
CA THR C 13 -0.73 29.91 49.01
C THR C 13 -2.09 30.45 48.61
N ASN C 14 -2.46 31.60 49.17
CA ASN C 14 -3.77 32.19 48.95
C ASN C 14 -4.86 31.19 49.36
N ASN C 15 -4.56 30.43 50.43
CA ASN C 15 -5.45 29.38 50.96
C ASN C 15 -5.83 28.36 49.90
N THR C 16 -4.97 28.19 48.89
CA THR C 16 -5.21 27.18 47.89
C THR C 16 -4.03 26.22 47.82
N PRO C 17 -4.29 24.91 47.77
CA PRO C 17 -3.19 23.94 47.60
C PRO C 17 -2.56 24.08 46.22
N ARG C 18 -1.24 24.25 46.22
CA ARG C 18 -0.44 24.38 45.01
C ARG C 18 0.40 23.16 44.72
N MET C 19 0.92 22.51 45.77
CA MET C 19 1.72 21.30 45.63
C MET C 19 1.32 20.32 46.72
N THR C 20 1.21 19.05 46.33
CA THR C 20 0.76 18.00 47.23
C THR C 20 1.73 16.82 47.15
N ILE C 21 2.09 16.28 48.32
CA ILE C 21 2.95 15.11 48.41
C ILE C 21 2.20 14.07 49.23
N ASP C 22 1.96 12.91 48.61
CA ASP C 22 1.24 11.82 49.31
C ASP C 22 2.22 10.84 49.96
N ASP C 23 1.73 9.90 50.74
CA ASP C 23 2.58 8.95 51.48
C ASP C 23 3.09 7.83 50.57
N VAL C 24 2.57 7.74 49.35
CA VAL C 24 3.08 6.75 48.37
C VAL C 24 4.19 7.43 47.56
N GLY C 25 4.40 8.72 47.77
CA GLY C 25 5.50 9.38 47.11
C GLY C 25 5.17 10.17 45.86
N ARG C 26 3.90 10.33 45.53
CA ARG C 26 3.51 11.05 44.33
C ARG C 26 3.39 12.54 44.63
N VAL C 27 3.87 13.36 43.71
CA VAL C 27 3.87 14.81 43.85
C VAL C 27 2.97 15.39 42.78
N GLY C 28 2.01 16.21 43.21
CA GLY C 28 1.10 16.89 42.30
C GLY C 28 1.30 18.38 42.38
N VAL C 29 1.34 19.02 41.22
CA VAL C 29 1.42 20.47 41.10
C VAL C 29 0.14 20.91 40.39
N GLY C 30 -0.77 21.52 41.13
CA GLY C 30 -2.07 21.85 40.60
C GLY C 30 -3.12 20.78 40.78
N THR C 31 -2.76 19.63 41.35
CA THR C 31 -3.70 18.59 41.74
C THR C 31 -3.40 18.12 43.15
N THR C 32 -4.45 17.86 43.90
CA THR C 32 -4.33 17.18 45.19
C THR C 32 -4.44 15.68 45.08
N ALA C 33 -4.65 15.16 43.86
CA ALA C 33 -4.75 13.72 43.62
C ALA C 33 -3.82 13.31 42.50
N PRO C 34 -2.51 13.36 42.72
CA PRO C 34 -1.56 12.97 41.67
C PRO C 34 -1.66 11.47 41.38
N THR C 35 -1.58 11.13 40.10
CA THR C 35 -1.64 9.74 39.66
C THR C 35 -0.31 9.21 39.16
N SER C 36 0.76 10.00 39.26
CA SER C 36 2.09 9.57 38.89
C SER C 36 3.08 10.22 39.84
N ALA C 37 4.35 9.78 39.77
CA ALA C 37 5.38 10.29 40.68
C ALA C 37 5.46 11.81 40.60
N LEU C 38 5.30 12.37 39.40
CA LEU C 38 5.17 13.82 39.24
C LEU C 38 3.97 14.07 38.32
N HIS C 39 3.04 14.88 38.79
CA HIS C 39 1.78 15.13 38.08
C HIS C 39 1.51 16.63 38.11
N VAL C 40 1.65 17.28 36.96
CA VAL C 40 1.55 18.72 36.84
C VAL C 40 0.37 19.08 35.94
N ILE C 41 -0.42 20.06 36.36
CA ILE C 41 -1.55 20.54 35.58
C ILE C 41 -1.43 22.04 35.38
N GLY C 42 -1.71 22.50 34.17
CA GLY C 42 -1.68 23.90 33.86
C GLY C 42 -2.47 24.19 32.60
N THR C 43 -2.38 25.45 32.16
CA THR C 43 -3.03 25.90 30.94
C THR C 43 -1.95 26.44 30.00
N GLY C 44 -1.78 25.77 28.88
CA GLY C 44 -0.75 26.18 27.90
C GLY C 44 0.61 25.57 28.25
N GLU C 45 1.56 26.42 28.58
CA GLU C 45 2.89 25.97 28.97
C GLU C 45 2.81 25.42 30.39
N VAL C 46 2.73 24.09 30.50
CA VAL C 46 2.55 23.44 31.79
C VAL C 46 3.88 23.32 32.51
N ALA C 47 4.92 22.88 31.81
CA ALA C 47 6.24 22.69 32.40
C ALA C 47 7.28 23.27 31.46
N ARG C 48 8.28 23.94 32.03
CA ARG C 48 9.35 24.55 31.28
C ARG C 48 10.68 24.14 31.90
N PHE C 49 11.56 23.58 31.08
CA PHE C 49 12.88 23.11 31.51
C PHE C 49 13.93 23.91 30.75
N VAL C 50 14.70 24.71 31.48
CA VAL C 50 15.64 25.67 30.90
C VAL C 50 17.06 25.25 31.24
N THR C 51 17.89 25.08 30.22
CA THR C 51 19.28 24.68 30.40
C THR C 51 20.21 25.82 30.00
N SER C 52 21.22 26.07 30.85
CA SER C 52 22.27 27.03 30.55
C SER C 52 23.49 26.37 29.95
N ALA C 53 23.32 25.19 29.39
CA ALA C 53 24.32 24.52 28.56
C ALA C 53 23.55 23.59 27.63
N THR C 54 24.26 22.96 26.71
CA THR C 54 23.60 21.97 25.87
C THR C 54 23.10 20.81 26.73
N GLY C 55 21.84 20.47 26.57
CA GLY C 55 21.21 19.43 27.36
C GLY C 55 19.71 19.63 27.42
N GLY C 56 19.10 19.16 28.51
CA GLY C 56 17.68 19.32 28.68
C GLY C 56 17.03 18.26 29.55
N VAL C 57 16.11 17.49 28.97
CA VAL C 57 15.30 16.52 29.70
C VAL C 57 15.75 15.12 29.33
N VAL C 58 15.85 14.25 30.34
CA VAL C 58 16.26 12.86 30.16
C VAL C 58 15.13 11.95 30.59
N ILE C 59 14.74 11.04 29.71
CA ILE C 59 13.85 9.93 30.05
C ILE C 59 14.71 8.68 30.11
N ASP C 60 14.75 8.06 31.29
CA ASP C 60 15.69 6.98 31.57
C ASP C 60 14.95 5.78 32.16
N SER C 61 15.56 4.61 32.04
CA SER C 61 15.01 3.38 32.61
C SER C 61 16.07 2.68 33.44
N THR C 62 15.61 1.85 34.38
CA THR C 62 16.52 1.19 35.32
C THR C 62 17.10 -0.11 34.79
N ALA C 63 16.65 -0.57 33.62
CA ALA C 63 17.15 -1.81 33.06
C ALA C 63 17.00 -1.78 31.54
N LEU C 64 17.82 -2.59 30.87
CA LEU C 64 17.82 -2.58 29.41
C LEU C 64 16.52 -3.11 28.82
N ASN C 65 15.76 -3.91 29.57
CA ASN C 65 14.49 -4.43 29.08
C ASN C 65 13.31 -3.56 29.48
N TYR C 66 13.54 -2.44 30.16
CA TYR C 66 12.51 -1.44 30.40
C TYR C 66 12.68 -0.33 29.37
N ASN C 67 11.59 0.07 28.73
CA ASN C 67 11.69 0.92 27.56
C ASN C 67 11.23 2.35 27.85
N PRO C 68 12.10 3.34 27.75
CA PRO C 68 11.68 4.72 28.02
C PRO C 68 10.89 5.29 26.87
N SER C 69 9.84 6.05 27.20
CA SER C 69 8.90 6.50 26.19
C SER C 69 8.40 7.90 26.53
N LEU C 70 8.09 8.66 25.48
CA LEU C 70 7.32 9.89 25.55
C LEU C 70 5.96 9.61 24.93
N ILE C 71 4.90 9.78 25.72
CA ILE C 71 3.55 9.40 25.31
C ILE C 71 2.67 10.63 25.24
N TYR C 72 2.01 10.82 24.10
CA TYR C 72 1.02 11.87 23.89
C TYR C 72 -0.38 11.28 24.02
N ARG C 73 -1.18 11.88 24.89
CA ARG C 73 -2.55 11.47 25.15
C ARG C 73 -3.51 12.65 24.97
N LYS C 74 -4.77 12.32 24.70
CA LYS C 74 -5.86 13.29 24.72
C LYS C 74 -6.98 12.71 25.57
N THR C 75 -7.44 13.47 26.55
CA THR C 75 -8.36 12.98 27.59
C THR C 75 -7.82 11.70 28.22
N ASN C 76 -6.49 11.66 28.40
CA ASN C 76 -5.77 10.55 29.02
C ASN C 76 -5.98 9.24 28.26
N ILE C 77 -6.11 9.32 26.94
CA ILE C 77 -6.13 8.15 26.07
C ILE C 77 -4.94 8.26 25.13
N ASN C 78 -4.17 7.18 25.03
CA ASN C 78 -2.99 7.18 24.18
C ASN C 78 -3.35 7.58 22.75
N ARG C 79 -2.55 8.47 22.17
CA ARG C 79 -2.66 8.82 20.76
C ARG C 79 -1.35 8.58 20.01
N TRP C 80 -0.23 9.02 20.55
CA TRP C 80 1.05 8.77 19.89
C TRP C 80 2.12 8.51 20.93
N SER C 81 3.24 7.94 20.48
CA SER C 81 4.38 7.80 21.38
C SER C 81 5.66 7.72 20.58
N MET C 82 6.74 8.23 21.17
CA MET C 82 8.10 8.04 20.67
C MET C 82 8.89 7.34 21.76
N MET C 83 9.42 6.15 21.43
CA MET C 83 10.00 5.32 22.47
C MET C 83 11.20 4.56 21.93
N VAL C 84 12.04 4.12 22.86
CA VAL C 84 13.13 3.20 22.54
C VAL C 84 12.60 1.78 22.78
N ASN C 85 12.58 0.96 21.74
CA ASN C 85 11.80 -0.26 21.77
C ASN C 85 12.57 -1.40 22.44
N ALA C 86 11.97 -2.59 22.41
CA ALA C 86 12.42 -3.72 23.21
C ALA C 86 13.38 -4.65 22.48
N ALA C 87 13.83 -4.29 21.28
CA ALA C 87 14.77 -5.12 20.55
C ALA C 87 16.00 -5.39 21.40
N SER C 88 16.40 -6.65 21.47
CA SER C 88 17.42 -7.05 22.45
C SER C 88 18.78 -6.49 22.08
N GLU C 89 19.50 -6.02 23.09
CA GLU C 89 20.85 -5.49 22.90
C GLU C 89 21.81 -6.66 22.90
N THR C 90 22.05 -7.24 21.73
CA THR C 90 22.86 -8.44 21.59
C THR C 90 24.31 -8.13 21.29
N GLY C 91 24.69 -6.86 21.23
CA GLY C 91 26.07 -6.51 20.94
C GLY C 91 26.21 -5.77 19.63
N GLY C 92 27.29 -5.01 19.48
CA GLY C 92 27.50 -4.23 18.26
C GLY C 92 26.39 -3.24 17.97
N ASN C 93 25.84 -2.62 19.01
CA ASN C 93 24.80 -1.59 18.94
C ASN C 93 23.47 -2.11 18.44
N ALA C 94 23.27 -3.42 18.40
CA ALA C 94 21.97 -3.97 18.08
C ALA C 94 20.97 -3.66 19.19
N GLY C 95 19.69 -3.65 18.83
CA GLY C 95 18.63 -3.48 19.80
C GLY C 95 18.40 -2.03 20.18
N SER C 96 17.38 -1.83 21.00
CA SER C 96 16.98 -0.51 21.50
C SER C 96 16.87 0.51 20.38
N ASN C 97 16.01 0.18 19.41
CA ASN C 97 15.76 1.04 18.26
C ASN C 97 14.64 2.01 18.57
N LEU C 98 14.53 3.06 17.75
CA LEU C 98 13.55 4.11 18.01
C LEU C 98 12.28 3.82 17.24
N SER C 99 11.12 3.98 17.89
CA SER C 99 9.84 3.73 17.26
C SER C 99 8.88 4.86 17.56
N ILE C 100 8.13 5.26 16.53
CA ILE C 100 6.99 6.17 16.70
C ILE C 100 5.73 5.33 16.53
N LEU C 101 5.01 5.15 17.63
CA LEU C 101 3.80 4.33 17.67
C LEU C 101 2.56 5.20 17.58
N ARG C 102 1.55 4.69 16.87
CA ARG C 102 0.23 5.29 16.81
C ARG C 102 -0.75 4.40 17.56
N TYR C 103 -1.81 5.02 18.09
CA TYR C 103 -2.80 4.31 18.89
C TYR C 103 -4.19 4.64 18.38
N ASP C 104 -5.10 3.68 18.53
CA ASP C 104 -6.46 3.88 18.06
C ASP C 104 -7.25 4.73 19.06
N ASP C 105 -8.52 4.97 18.73
CA ASP C 105 -9.34 5.90 19.51
C ASP C 105 -9.54 5.44 20.95
N THR C 106 -9.42 4.14 21.22
CA THR C 106 -9.52 3.64 22.58
C THR C 106 -8.17 3.52 23.28
N GLY C 107 -7.08 3.84 22.60
CA GLY C 107 -5.77 3.81 23.20
C GLY C 107 -4.97 2.55 22.97
N ALA C 108 -5.48 1.60 22.19
CA ALA C 108 -4.73 0.39 21.88
C ALA C 108 -3.78 0.65 20.73
N THR C 109 -2.62 -0.02 20.79
CA THR C 109 -1.57 0.23 19.80
C THR C 109 -2.03 -0.20 18.41
N LEU C 110 -1.67 0.61 17.42
CA LEU C 110 -1.85 0.27 16.02
C LEU C 110 -0.54 -0.12 15.35
N GLY C 111 0.58 -0.03 16.06
CA GLY C 111 1.87 -0.42 15.54
C GLY C 111 2.76 0.79 15.33
N ALA C 112 3.99 0.51 14.92
CA ALA C 112 5.00 1.53 14.71
C ALA C 112 4.86 2.11 13.31
N ALA C 113 4.58 3.42 13.22
CA ALA C 113 4.58 4.07 11.92
C ALA C 113 6.01 4.23 11.40
N VAL C 114 6.96 4.46 12.30
CA VAL C 114 8.36 4.68 11.96
C VAL C 114 9.22 3.86 12.91
N THR C 115 10.25 3.21 12.36
CA THR C 115 11.27 2.51 13.13
C THR C 115 12.65 2.90 12.61
N ILE C 116 13.50 3.43 13.49
CA ILE C 116 14.87 3.77 13.15
C ILE C 116 15.81 2.81 13.85
N ASP C 117 16.68 2.17 13.07
CA ASP C 117 17.64 1.21 13.60
C ASP C 117 18.83 1.95 14.22
N ARG C 118 19.19 1.58 15.44
CA ARG C 118 20.24 2.30 16.15
C ARG C 118 21.63 1.98 15.59
N ALA C 119 21.86 0.72 15.22
CA ALA C 119 23.20 0.33 14.78
C ALA C 119 23.56 0.92 13.43
N SER C 120 22.57 1.05 12.53
CA SER C 120 22.82 1.51 11.17
C SER C 120 22.28 2.89 10.88
N GLY C 121 21.30 3.38 11.65
CA GLY C 121 20.61 4.59 11.31
C GLY C 121 19.53 4.45 10.26
N PHE C 122 19.28 3.22 9.79
CA PHE C 122 18.31 3.02 8.71
C PHE C 122 16.92 3.42 9.17
N PHE C 123 16.20 4.09 8.28
CA PHE C 123 14.91 4.71 8.57
C PHE C 123 13.82 3.91 7.86
N GLY C 124 12.98 3.23 8.63
CA GLY C 124 11.93 2.39 8.10
C GLY C 124 10.57 3.02 8.34
N ILE C 125 9.79 3.10 7.25
CA ILE C 125 8.41 3.56 7.29
C ILE C 125 7.53 2.34 7.07
N ASN C 126 6.70 2.01 8.05
CA ASN C 126 5.89 0.80 8.02
C ASN C 126 6.78 -0.44 7.87
N THR C 127 7.99 -0.37 8.42
CA THR C 127 8.98 -1.42 8.26
C THR C 127 9.67 -1.65 9.60
N ALA C 128 9.54 -2.84 10.16
CA ALA C 128 10.09 -3.11 11.48
C ALA C 128 11.60 -3.32 11.43
N ALA C 129 12.12 -3.85 10.32
CA ALA C 129 13.54 -4.15 10.17
C ALA C 129 14.05 -3.50 8.90
N PRO C 130 14.32 -2.19 8.93
CA PRO C 130 14.80 -1.51 7.72
C PRO C 130 16.15 -2.04 7.28
N ALA C 131 16.28 -2.30 5.97
CA ALA C 131 17.51 -2.79 5.38
C ALA C 131 18.13 -1.79 4.41
N TYR C 132 17.56 -0.60 4.30
CA TYR C 132 18.10 0.46 3.46
C TYR C 132 18.04 1.76 4.25
N ASN C 133 18.84 2.74 3.83
CA ASN C 133 18.87 4.01 4.57
C ASN C 133 17.48 4.62 4.68
N ILE C 134 16.67 4.47 3.64
CA ILE C 134 15.22 4.62 3.76
C ILE C 134 14.57 3.36 3.21
N HIS C 135 13.68 2.77 3.99
CA HIS C 135 13.03 1.50 3.65
C HIS C 135 11.54 1.67 3.89
N VAL C 136 10.75 1.61 2.82
CA VAL C 136 9.31 1.83 2.89
C VAL C 136 8.62 0.55 2.46
N THR C 137 7.70 0.07 3.31
CA THR C 137 6.79 -1.01 2.95
C THR C 137 5.47 -0.38 2.52
N GLY C 138 5.12 -0.53 1.24
CA GLY C 138 3.93 0.07 0.69
C GLY C 138 4.27 0.99 -0.48
N THR C 139 3.61 2.13 -0.53
CA THR C 139 3.71 3.06 -1.65
C THR C 139 4.55 4.28 -1.27
N ALA C 140 4.99 5.02 -2.29
CA ALA C 140 5.77 6.23 -2.13
C ALA C 140 5.28 7.26 -3.13
N GLY C 141 4.80 8.39 -2.63
CA GLY C 141 4.23 9.44 -3.48
C GLY C 141 5.16 10.65 -3.53
N LEU C 142 5.36 11.14 -4.76
CA LEU C 142 6.18 12.33 -5.01
C LEU C 142 5.42 13.23 -5.97
N SER C 143 5.30 14.51 -5.61
CA SER C 143 4.46 15.41 -6.39
C SER C 143 5.11 15.85 -7.69
N THR C 144 6.43 15.68 -7.85
CA THR C 144 7.14 16.26 -8.97
C THR C 144 7.63 15.24 -9.99
N GLY C 145 7.42 13.96 -9.77
CA GLY C 145 7.86 12.96 -10.72
C GLY C 145 7.94 11.60 -10.07
N SER C 146 8.46 10.65 -10.85
CA SER C 146 8.54 9.25 -10.42
C SER C 146 9.94 8.78 -10.05
N ALA C 147 10.97 9.60 -10.27
CA ALA C 147 12.34 9.20 -9.97
C ALA C 147 12.96 10.13 -8.93
N TRP C 148 13.98 9.61 -8.25
CA TRP C 148 14.82 10.45 -7.41
C TRP C 148 15.74 11.30 -8.27
N THR C 149 16.06 12.49 -7.78
CA THR C 149 17.20 13.23 -8.30
C THR C 149 18.47 12.64 -7.69
N VAL C 150 19.46 12.37 -8.53
CA VAL C 150 20.74 11.86 -8.03
C VAL C 150 21.45 13.00 -7.31
N ALA C 151 21.60 12.89 -6.00
CA ALA C 151 22.24 13.93 -5.22
C ALA C 151 23.76 13.75 -5.26
N PHE D 7 8.92 -23.97 -49.03
CA PHE D 7 7.85 -24.10 -50.01
C PHE D 7 6.51 -23.68 -49.41
N SER D 8 5.71 -22.96 -50.19
CA SER D 8 4.46 -22.42 -49.68
C SER D 8 3.43 -22.34 -50.80
N LEU D 9 2.17 -22.50 -50.42
CA LEU D 9 1.04 -22.21 -51.29
C LEU D 9 0.30 -21.00 -50.73
N SER D 10 -0.08 -20.08 -51.60
CA SER D 10 -0.94 -18.96 -51.23
C SER D 10 -2.19 -18.94 -52.10
N PHE D 11 -3.31 -18.59 -51.48
CA PHE D 11 -4.51 -18.20 -52.21
C PHE D 11 -4.45 -16.68 -52.40
N GLU D 12 -4.65 -16.22 -53.63
CA GLU D 12 -4.37 -14.84 -54.02
C GLU D 12 -5.62 -14.19 -54.59
N THR D 13 -5.98 -13.02 -54.04
CA THR D 13 -7.00 -12.20 -54.65
C THR D 13 -6.45 -10.79 -54.83
N ASN D 14 -6.84 -10.15 -55.93
CA ASN D 14 -6.43 -8.78 -56.21
C ASN D 14 -4.89 -8.68 -56.22
N ASN D 15 -4.25 -9.71 -56.79
CA ASN D 15 -2.81 -9.82 -56.91
C ASN D 15 -2.09 -9.86 -55.56
N THR D 16 -2.82 -10.17 -54.48
CA THR D 16 -2.21 -10.20 -53.15
C THR D 16 -2.49 -11.55 -52.49
N PRO D 17 -1.48 -12.20 -51.91
CA PRO D 17 -1.74 -13.41 -51.12
C PRO D 17 -2.55 -13.06 -49.87
N ARG D 18 -3.59 -13.85 -49.64
CA ARG D 18 -4.51 -13.66 -48.52
C ARG D 18 -4.40 -14.77 -47.48
N MET D 19 -4.15 -15.99 -47.92
CA MET D 19 -3.99 -17.14 -47.03
C MET D 19 -2.87 -18.01 -47.57
N THR D 20 -2.01 -18.47 -46.67
CA THR D 20 -0.79 -19.19 -47.04
C THR D 20 -0.67 -20.45 -46.19
N ILE D 21 -0.25 -21.55 -46.83
CA ILE D 21 0.04 -22.80 -46.16
C ILE D 21 1.45 -23.20 -46.51
N ASP D 22 2.33 -23.32 -45.51
CA ASP D 22 3.72 -23.61 -45.77
C ASP D 22 4.00 -25.11 -45.64
N ASP D 23 5.26 -25.48 -45.90
CA ASP D 23 5.62 -26.90 -46.01
C ASP D 23 5.44 -27.64 -44.69
N VAL D 24 5.56 -26.94 -43.55
CA VAL D 24 5.46 -27.61 -42.25
C VAL D 24 4.06 -27.53 -41.67
N GLY D 25 3.08 -27.00 -42.39
CA GLY D 25 1.71 -27.04 -41.96
C GLY D 25 1.17 -25.81 -41.27
N ARG D 26 1.91 -24.72 -41.26
CA ARG D 26 1.45 -23.50 -40.62
C ARG D 26 0.61 -22.68 -41.60
N VAL D 27 -0.51 -22.15 -41.10
CA VAL D 27 -1.46 -21.40 -41.91
C VAL D 27 -1.40 -19.94 -41.49
N GLY D 28 -1.17 -19.08 -42.47
CA GLY D 28 -1.12 -17.63 -42.24
C GLY D 28 -2.26 -16.95 -42.98
N VAL D 29 -2.91 -16.02 -42.29
CA VAL D 29 -3.96 -15.20 -42.88
C VAL D 29 -3.48 -13.75 -42.78
N GLY D 30 -3.10 -13.18 -43.91
CA GLY D 30 -2.49 -11.87 -43.92
C GLY D 30 -0.98 -11.87 -43.81
N THR D 31 -0.37 -13.04 -43.71
CA THR D 31 1.09 -13.15 -43.67
C THR D 31 1.51 -14.35 -44.52
N THR D 32 2.60 -14.17 -45.27
CA THR D 32 3.18 -15.26 -46.03
C THR D 32 4.20 -16.06 -45.23
N ALA D 33 4.49 -15.66 -44.00
CA ALA D 33 5.47 -16.33 -43.15
C ALA D 33 4.86 -16.57 -41.76
N PRO D 34 3.92 -17.50 -41.66
CA PRO D 34 3.33 -17.79 -40.35
C PRO D 34 4.35 -18.41 -39.40
N THR D 35 4.28 -18.01 -38.13
CA THR D 35 5.18 -18.53 -37.11
C THR D 35 4.48 -19.46 -36.14
N SER D 36 3.19 -19.73 -36.33
CA SER D 36 2.45 -20.68 -35.52
C SER D 36 1.49 -21.44 -36.41
N ALA D 37 0.86 -22.48 -35.86
CA ALA D 37 -0.05 -23.32 -36.63
C ALA D 37 -1.13 -22.48 -37.31
N LEU D 38 -1.65 -21.47 -36.61
CA LEU D 38 -2.53 -20.46 -37.19
C LEU D 38 -2.01 -19.09 -36.81
N HIS D 39 -1.79 -18.24 -37.81
CA HIS D 39 -1.19 -16.93 -37.60
C HIS D 39 -1.99 -15.93 -38.43
N VAL D 40 -2.72 -15.05 -37.75
CA VAL D 40 -3.60 -14.08 -38.40
C VAL D 40 -3.12 -12.68 -38.07
N ILE D 41 -2.98 -11.84 -39.10
CA ILE D 41 -2.63 -10.43 -38.94
C ILE D 41 -3.75 -9.59 -39.53
N GLY D 42 -4.10 -8.52 -38.83
CA GLY D 42 -5.13 -7.61 -39.31
C GLY D 42 -5.03 -6.29 -38.58
N THR D 43 -5.96 -5.39 -38.91
CA THR D 43 -6.04 -4.07 -38.28
C THR D 43 -7.39 -3.99 -37.58
N GLY D 44 -7.37 -4.07 -36.25
CA GLY D 44 -8.59 -3.98 -35.46
C GLY D 44 -9.36 -5.28 -35.44
N GLU D 45 -10.29 -5.44 -36.38
CA GLU D 45 -11.02 -6.70 -36.50
C GLU D 45 -10.10 -7.80 -37.01
N VAL D 46 -9.34 -8.43 -36.13
CA VAL D 46 -8.39 -9.47 -36.57
C VAL D 46 -9.10 -10.81 -36.76
N ALA D 47 -9.80 -11.27 -35.73
CA ALA D 47 -10.52 -12.53 -35.81
C ALA D 47 -11.82 -12.41 -35.04
N ARG D 48 -12.90 -12.92 -35.64
CA ARG D 48 -14.21 -12.95 -35.02
C ARG D 48 -14.73 -14.39 -35.03
N PHE D 49 -15.14 -14.87 -33.85
CA PHE D 49 -15.68 -16.21 -33.69
C PHE D 49 -17.12 -16.08 -33.20
N VAL D 50 -18.06 -16.49 -34.04
CA VAL D 50 -19.49 -16.26 -33.80
C VAL D 50 -20.15 -17.59 -33.48
N THR D 51 -20.79 -17.66 -32.31
CA THR D 51 -21.47 -18.87 -31.85
C THR D 51 -22.98 -18.68 -31.92
N SER D 52 -23.68 -19.66 -32.49
CA SER D 52 -25.14 -19.71 -32.46
C SER D 52 -25.65 -20.58 -31.33
N ALA D 53 -24.83 -20.78 -30.30
CA ALA D 53 -25.22 -21.40 -29.05
C ALA D 53 -24.26 -20.88 -27.99
N THR D 54 -24.48 -21.28 -26.74
CA THR D 54 -23.52 -20.93 -25.70
C THR D 54 -22.19 -21.62 -25.98
N GLY D 55 -21.13 -20.82 -26.05
CA GLY D 55 -19.81 -21.31 -26.42
C GLY D 55 -18.98 -20.16 -26.95
N GLY D 56 -17.95 -20.52 -27.74
CA GLY D 56 -17.10 -19.50 -28.33
C GLY D 56 -15.72 -19.99 -28.74
N VAL D 57 -14.73 -19.78 -27.89
CA VAL D 57 -13.36 -20.20 -28.14
C VAL D 57 -12.91 -21.14 -27.04
N VAL D 58 -12.33 -22.27 -27.42
CA VAL D 58 -11.81 -23.26 -26.47
C VAL D 58 -10.30 -23.32 -26.61
N ILE D 59 -9.61 -23.16 -25.48
CA ILE D 59 -8.16 -23.39 -25.40
C ILE D 59 -7.96 -24.66 -24.58
N ASP D 60 -7.35 -25.66 -25.20
CA ASP D 60 -7.31 -27.00 -24.62
C ASP D 60 -5.89 -27.55 -24.69
N SER D 61 -5.53 -28.34 -23.67
CA SER D 61 -4.25 -29.04 -23.63
C SER D 61 -4.49 -30.54 -23.65
N THR D 62 -3.46 -31.28 -24.04
CA THR D 62 -3.57 -32.73 -24.18
C THR D 62 -3.28 -33.48 -22.89
N ALA D 63 -2.83 -32.80 -21.85
CA ALA D 63 -2.50 -33.49 -20.60
C ALA D 63 -2.77 -32.57 -19.43
N LEU D 64 -3.02 -33.17 -18.26
CA LEU D 64 -3.30 -32.41 -17.06
C LEU D 64 -2.13 -31.53 -16.63
N ASN D 65 -0.91 -31.88 -17.01
CA ASN D 65 0.27 -31.10 -16.64
C ASN D 65 0.69 -30.12 -17.72
N TYR D 66 -0.06 -30.00 -18.81
CA TYR D 66 0.11 -28.92 -19.78
C TYR D 66 -0.91 -27.83 -19.47
N ASN D 67 -0.46 -26.58 -19.43
CA ASN D 67 -1.30 -25.49 -18.97
C ASN D 67 -1.80 -24.67 -20.14
N PRO D 68 -3.11 -24.61 -20.38
CA PRO D 68 -3.63 -23.74 -21.45
C PRO D 68 -3.64 -22.30 -21.02
N SER D 69 -3.34 -21.41 -21.96
CA SER D 69 -3.13 -20.01 -21.63
C SER D 69 -3.60 -19.11 -22.75
N LEU D 70 -4.07 -17.92 -22.37
CA LEU D 70 -4.26 -16.79 -23.27
C LEU D 70 -3.22 -15.75 -22.92
N ILE D 71 -2.38 -15.38 -23.88
CA ILE D 71 -1.24 -14.50 -23.64
C ILE D 71 -1.41 -13.21 -24.45
N TYR D 72 -1.29 -12.08 -23.77
CA TYR D 72 -1.28 -10.76 -24.39
C TYR D 72 0.15 -10.27 -24.48
N ARG D 73 0.57 -9.92 -25.70
CA ARG D 73 1.90 -9.43 -26.01
C ARG D 73 1.82 -8.10 -26.73
N LYS D 74 2.88 -7.32 -26.59
CA LYS D 74 3.09 -6.12 -27.39
C LYS D 74 4.46 -6.22 -28.04
N THR D 75 4.52 -6.04 -29.36
CA THR D 75 5.73 -6.27 -30.16
C THR D 75 6.29 -7.67 -29.88
N ASN D 76 5.39 -8.63 -29.67
CA ASN D 76 5.73 -10.03 -29.40
C ASN D 76 6.53 -10.20 -28.11
N ILE D 77 6.28 -9.35 -27.12
CA ILE D 77 6.85 -9.50 -25.78
C ILE D 77 5.71 -9.68 -24.80
N ASN D 78 5.82 -10.71 -23.95
CA ASN D 78 4.76 -10.99 -22.98
C ASN D 78 4.46 -9.77 -22.12
N ARG D 79 3.17 -9.47 -21.96
CA ARG D 79 2.72 -8.42 -21.06
C ARG D 79 1.75 -8.95 -20.02
N TRP D 80 0.76 -9.74 -20.43
CA TRP D 80 -0.17 -10.32 -19.46
C TRP D 80 -0.58 -11.70 -19.92
N SER D 81 -1.12 -12.49 -18.99
CA SER D 81 -1.69 -13.76 -19.41
C SER D 81 -2.74 -14.22 -18.42
N MET D 82 -3.73 -14.94 -18.93
CA MET D 82 -4.73 -15.64 -18.12
C MET D 82 -4.63 -17.12 -18.44
N MET D 83 -4.35 -17.93 -17.44
CA MET D 83 -4.05 -19.33 -17.69
C MET D 83 -4.56 -20.21 -16.56
N VAL D 84 -4.66 -21.50 -16.85
CA VAL D 84 -4.95 -22.52 -15.84
C VAL D 84 -3.62 -23.11 -15.41
N ASN D 85 -3.32 -23.05 -14.13
CA ASN D 85 -1.96 -23.32 -13.67
C ASN D 85 -1.73 -24.81 -13.44
N ALA D 86 -0.51 -25.14 -13.00
CA ALA D 86 -0.04 -26.52 -12.93
C ALA D 86 -0.25 -27.18 -11.58
N ALA D 87 -1.07 -26.58 -10.70
CA ALA D 87 -1.35 -27.21 -9.41
C ALA D 87 -1.95 -28.59 -9.62
N SER D 88 -1.44 -29.56 -8.85
CA SER D 88 -1.76 -30.96 -9.11
C SER D 88 -3.22 -31.27 -8.82
N GLU D 89 -3.83 -32.06 -9.70
CA GLU D 89 -5.23 -32.47 -9.55
C GLU D 89 -5.25 -33.76 -8.73
N THR D 90 -5.29 -33.59 -7.41
CA THR D 90 -5.22 -34.71 -6.47
C THR D 90 -6.58 -35.24 -6.07
N GLY D 91 -7.67 -34.68 -6.60
CA GLY D 91 -9.00 -35.15 -6.25
C GLY D 91 -9.83 -34.07 -5.57
N GLY D 92 -11.15 -34.20 -5.65
CA GLY D 92 -12.02 -33.21 -5.04
C GLY D 92 -11.88 -31.83 -5.63
N ASN D 93 -11.56 -31.76 -6.93
CA ASN D 93 -11.42 -30.52 -7.70
C ASN D 93 -10.21 -29.69 -7.29
N ALA D 94 -9.25 -30.29 -6.59
CA ALA D 94 -7.99 -29.61 -6.32
C ALA D 94 -7.20 -29.42 -7.61
N GLY D 95 -6.36 -28.39 -7.62
CA GLY D 95 -5.47 -28.14 -8.73
C GLY D 95 -6.13 -27.43 -9.89
N SER D 96 -5.29 -27.10 -10.88
CA SER D 96 -5.70 -26.41 -12.10
C SER D 96 -6.51 -25.14 -11.78
N ASN D 97 -5.86 -24.26 -11.04
CA ASN D 97 -6.48 -23.00 -10.61
C ASN D 97 -6.21 -21.90 -11.63
N LEU D 98 -7.06 -20.87 -11.61
CA LEU D 98 -6.97 -19.82 -12.61
C LEU D 98 -6.02 -18.73 -12.13
N SER D 99 -5.11 -18.30 -13.01
CA SER D 99 -4.13 -17.29 -12.64
C SER D 99 -4.07 -16.20 -13.71
N ILE D 100 -4.03 -14.96 -13.26
CA ILE D 100 -3.70 -13.82 -14.09
C ILE D 100 -2.29 -13.38 -13.71
N LEU D 101 -1.38 -13.51 -14.68
CA LEU D 101 0.05 -13.26 -14.55
C LEU D 101 0.43 -11.97 -15.26
N ARG D 102 1.36 -11.24 -14.66
CA ARG D 102 1.95 -10.04 -15.25
C ARG D 102 3.41 -10.30 -15.59
N TYR D 103 3.92 -9.58 -16.59
CA TYR D 103 5.26 -9.77 -17.10
C TYR D 103 5.99 -8.44 -17.16
N ASP D 104 7.31 -8.49 -17.02
CA ASP D 104 8.10 -7.27 -17.05
C ASP D 104 8.38 -6.86 -18.50
N ASP D 105 9.09 -5.75 -18.66
CA ASP D 105 9.26 -5.15 -19.98
C ASP D 105 9.98 -6.08 -20.95
N THR D 106 10.80 -7.00 -20.45
CA THR D 106 11.49 -7.96 -21.31
C THR D 106 10.72 -9.27 -21.48
N GLY D 107 9.53 -9.39 -20.90
CA GLY D 107 8.72 -10.58 -21.05
C GLY D 107 8.88 -11.63 -19.97
N ALA D 108 9.68 -11.36 -18.94
CA ALA D 108 9.83 -12.33 -17.84
C ALA D 108 8.70 -12.15 -16.84
N THR D 109 8.27 -13.26 -16.25
CA THR D 109 7.13 -13.23 -15.34
C THR D 109 7.46 -12.44 -14.08
N LEU D 110 6.50 -11.64 -13.63
CA LEU D 110 6.57 -10.96 -12.35
C LEU D 110 5.69 -11.63 -11.30
N GLY D 111 4.92 -12.64 -11.68
CA GLY D 111 4.10 -13.39 -10.76
C GLY D 111 2.62 -13.26 -11.06
N ALA D 112 1.83 -13.96 -10.26
CA ALA D 112 0.39 -14.01 -10.44
C ALA D 112 -0.24 -12.82 -9.74
N ALA D 113 -0.83 -11.92 -10.52
CA ALA D 113 -1.63 -10.86 -9.93
C ALA D 113 -2.87 -11.42 -9.27
N VAL D 114 -3.50 -12.42 -9.90
CA VAL D 114 -4.74 -12.98 -9.36
C VAL D 114 -4.67 -14.50 -9.42
N THR D 115 -5.19 -15.16 -8.38
CA THR D 115 -5.32 -16.62 -8.36
C THR D 115 -6.67 -17.00 -7.81
N ILE D 116 -7.46 -17.72 -8.59
CA ILE D 116 -8.77 -18.22 -8.15
C ILE D 116 -8.69 -19.73 -7.98
N ASP D 117 -9.10 -20.21 -6.81
CA ASP D 117 -9.05 -21.62 -6.49
C ASP D 117 -10.26 -22.33 -7.09
N ARG D 118 -10.02 -23.43 -7.79
CA ARG D 118 -11.11 -24.13 -8.46
C ARG D 118 -11.97 -24.90 -7.46
N ALA D 119 -11.36 -25.44 -6.40
CA ALA D 119 -12.11 -26.26 -5.46
C ALA D 119 -13.04 -25.41 -4.60
N SER D 120 -12.56 -24.26 -4.13
CA SER D 120 -13.32 -23.43 -3.21
C SER D 120 -13.93 -22.18 -3.84
N GLY D 121 -13.44 -21.76 -5.00
CA GLY D 121 -13.84 -20.49 -5.57
C GLY D 121 -13.17 -19.28 -4.95
N PHE D 122 -12.28 -19.48 -3.99
CA PHE D 122 -11.66 -18.36 -3.27
C PHE D 122 -10.82 -17.50 -4.22
N PHE D 123 -10.90 -16.19 -4.02
CA PHE D 123 -10.31 -15.20 -4.92
C PHE D 123 -9.12 -14.54 -4.22
N GLY D 124 -7.91 -14.84 -4.69
CA GLY D 124 -6.70 -14.33 -4.08
C GLY D 124 -6.06 -13.25 -4.94
N ILE D 125 -5.73 -12.14 -4.29
CA ILE D 125 -5.01 -11.03 -4.89
C ILE D 125 -3.65 -10.99 -4.25
N ASN D 126 -2.60 -11.16 -5.07
CA ASN D 126 -1.24 -11.28 -4.57
C ASN D 126 -1.09 -12.46 -3.60
N THR D 127 -1.92 -13.49 -3.78
CA THR D 127 -1.96 -14.62 -2.85
C THR D 127 -2.05 -15.91 -3.64
N ALA D 128 -1.02 -16.74 -3.54
CA ALA D 128 -0.96 -17.95 -4.34
C ALA D 128 -1.97 -19.00 -3.87
N ALA D 129 -2.25 -19.06 -2.57
CA ALA D 129 -3.16 -20.05 -2.00
C ALA D 129 -4.20 -19.33 -1.14
N PRO D 130 -5.22 -18.74 -1.75
CA PRO D 130 -6.24 -18.02 -0.98
C PRO D 130 -6.95 -18.93 0.01
N ALA D 131 -7.16 -18.43 1.22
CA ALA D 131 -7.86 -19.15 2.28
C ALA D 131 -9.11 -18.42 2.74
N TYR D 132 -9.52 -17.38 2.03
CA TYR D 132 -10.75 -16.66 2.32
C TYR D 132 -11.44 -16.38 0.98
N ASN D 133 -12.74 -16.08 1.04
CA ASN D 133 -13.48 -15.85 -0.19
C ASN D 133 -12.86 -14.74 -1.01
N ILE D 134 -12.35 -13.70 -0.36
CA ILE D 134 -11.35 -12.80 -0.93
C ILE D 134 -10.17 -12.76 0.03
N HIS D 135 -8.97 -12.94 -0.52
CA HIS D 135 -7.75 -13.02 0.27
C HIS D 135 -6.72 -12.11 -0.37
N VAL D 136 -6.34 -11.04 0.32
CA VAL D 136 -5.41 -10.05 -0.19
C VAL D 136 -4.15 -10.07 0.67
N THR D 137 -3.00 -10.21 0.01
CA THR D 137 -1.70 -10.06 0.67
C THR D 137 -1.21 -8.65 0.37
N GLY D 138 -1.19 -7.80 1.38
CA GLY D 138 -0.82 -6.41 1.21
C GLY D 138 -1.85 -5.45 1.77
N THR D 139 -2.10 -4.36 1.07
CA THR D 139 -2.92 -3.26 1.57
C THR D 139 -4.29 -3.26 0.92
N ALA D 140 -5.19 -2.48 1.51
CA ALA D 140 -6.55 -2.33 1.01
C ALA D 140 -6.99 -0.88 1.12
N GLY D 141 -7.47 -0.31 0.02
CA GLY D 141 -7.90 1.06 0.01
C GLY D 141 -9.33 1.23 -0.47
N LEU D 142 -10.12 2.00 0.27
CA LEU D 142 -11.54 2.23 -0.05
C LEU D 142 -11.80 3.73 -0.02
N SER D 143 -12.43 4.24 -1.09
CA SER D 143 -12.60 5.68 -1.22
C SER D 143 -13.68 6.22 -0.29
N THR D 144 -14.58 5.39 0.21
CA THR D 144 -15.74 5.86 0.95
C THR D 144 -15.68 5.61 2.45
N GLY D 145 -14.74 4.82 2.93
CA GLY D 145 -14.66 4.57 4.36
C GLY D 145 -13.61 3.53 4.67
N SER D 146 -13.57 3.14 5.95
CA SER D 146 -12.62 2.16 6.45
C SER D 146 -13.24 0.79 6.73
N ALA D 147 -14.55 0.66 6.64
CA ALA D 147 -15.23 -0.59 6.97
C ALA D 147 -16.03 -1.12 5.78
N TRP D 148 -16.20 -2.43 5.75
CA TRP D 148 -17.19 -3.03 4.86
C TRP D 148 -18.59 -2.69 5.35
N THR D 149 -19.51 -2.53 4.41
CA THR D 149 -20.93 -2.53 4.75
C THR D 149 -21.38 -3.98 4.89
N VAL D 150 -22.09 -4.28 5.97
CA VAL D 150 -22.61 -5.63 6.18
C VAL D 150 -23.72 -5.86 5.15
N ALA D 151 -23.46 -6.75 4.20
CA ALA D 151 -24.42 -6.99 3.12
C ALA D 151 -25.43 -8.07 3.50
N ASP E 5 24.96 16.85 51.90
CA ASP E 5 23.91 17.04 52.90
C ASP E 5 22.59 17.41 52.23
N ALA E 6 21.48 16.95 52.81
CA ALA E 6 20.21 17.13 52.14
C ALA E 6 19.10 17.36 53.15
N PHE E 7 18.01 17.94 52.67
CA PHE E 7 16.78 18.11 53.43
C PHE E 7 15.71 17.22 52.82
N SER E 8 14.93 16.56 53.68
CA SER E 8 13.95 15.58 53.21
C SER E 8 12.62 15.73 53.94
N LEU E 9 11.55 15.45 53.22
CA LEU E 9 10.19 15.40 53.76
C LEU E 9 9.76 13.94 53.82
N SER E 10 9.37 13.47 55.01
CA SER E 10 8.96 12.05 55.18
C SER E 10 7.61 11.96 55.88
N PHE E 11 6.96 10.80 55.76
CA PHE E 11 5.67 10.56 56.44
C PHE E 11 5.86 9.46 57.48
N GLU E 12 5.28 9.64 58.68
CA GLU E 12 5.47 8.66 59.78
C GLU E 12 4.73 7.37 59.41
N THR E 13 3.92 7.42 58.35
CA THR E 13 3.21 6.22 57.86
C THR E 13 4.19 5.16 57.36
N ASN E 14 5.21 5.56 56.59
CA ASN E 14 6.20 4.62 56.02
C ASN E 14 7.61 5.02 56.42
N ASN E 15 7.78 6.24 56.95
CA ASN E 15 9.11 6.72 57.39
C ASN E 15 10.02 6.93 56.17
N THR E 16 9.46 6.79 54.96
CA THR E 16 10.28 6.92 53.75
C THR E 16 10.33 8.37 53.26
N PRO E 17 11.53 8.90 52.94
CA PRO E 17 11.64 10.24 52.35
C PRO E 17 10.98 10.28 50.97
N ARG E 18 10.18 11.32 50.75
CA ARG E 18 9.38 11.48 49.55
C ARG E 18 9.87 12.58 48.64
N MET E 19 10.42 13.65 49.20
CA MET E 19 11.05 14.72 48.44
C MET E 19 12.33 15.13 49.16
N THR E 20 13.36 15.44 48.38
CA THR E 20 14.67 15.79 48.91
C THR E 20 15.20 17.02 48.19
N ILE E 21 15.80 17.93 48.94
CA ILE E 21 16.46 19.11 48.38
C ILE E 21 17.86 19.15 48.97
N ASP E 22 18.88 18.97 48.13
CA ASP E 22 20.24 18.93 48.64
C ASP E 22 20.87 20.33 48.63
N ASP E 23 22.10 20.41 49.14
CA ASP E 23 22.73 21.70 49.39
C ASP E 23 23.07 22.45 48.11
N VAL E 24 23.21 21.74 46.98
CA VAL E 24 23.47 22.40 45.70
C VAL E 24 22.19 22.68 44.92
N GLY E 25 21.02 22.43 45.53
CA GLY E 25 19.78 22.86 44.93
C GLY E 25 19.05 21.83 44.09
N ARG E 26 19.50 20.58 44.08
CA ARG E 26 18.84 19.56 43.28
C ARG E 26 17.68 18.95 44.04
N VAL E 27 16.59 18.69 43.34
CA VAL E 27 15.34 18.21 43.94
C VAL E 27 15.10 16.79 43.46
N GLY E 28 14.97 15.88 44.41
CA GLY E 28 14.70 14.48 44.13
C GLY E 28 13.29 14.11 44.59
N VAL E 29 12.56 13.46 43.69
CA VAL E 29 11.24 12.89 43.99
C VAL E 29 11.38 11.38 43.87
N GLY E 30 11.42 10.69 45.01
CA GLY E 30 11.67 9.27 45.03
C GLY E 30 13.13 8.90 45.14
N THR E 31 14.04 9.88 45.17
CA THR E 31 15.45 9.62 45.43
C THR E 31 15.97 10.64 46.43
N THR E 32 16.85 10.17 47.31
CA THR E 32 17.56 11.04 48.22
C THR E 32 18.90 11.50 47.65
N ALA E 33 19.24 11.07 46.44
CA ALA E 33 20.49 11.44 45.79
C ALA E 33 20.20 11.93 44.37
N PRO E 34 19.54 13.09 44.23
CA PRO E 34 19.23 13.59 42.88
C PRO E 34 20.49 13.99 42.15
N THR E 35 20.54 13.67 40.85
CA THR E 35 21.66 14.01 39.99
C THR E 35 21.29 15.03 38.93
N SER E 36 20.10 15.62 39.04
CA SER E 36 19.66 16.69 38.15
C SER E 36 18.91 17.72 38.97
N ALA E 37 18.65 18.88 38.36
CA ALA E 37 17.89 19.91 39.05
C ALA E 37 16.55 19.37 39.54
N LEU E 38 15.91 18.54 38.73
CA LEU E 38 14.73 17.78 39.14
C LEU E 38 14.93 16.34 38.71
N HIS E 39 14.89 15.43 39.68
CA HIS E 39 15.18 14.01 39.43
C HIS E 39 14.02 13.21 40.01
N VAL E 40 13.25 12.56 39.13
CA VAL E 40 12.02 11.87 39.51
C VAL E 40 12.16 10.40 39.18
N ILE E 41 11.79 9.54 40.13
CA ILE E 41 11.78 8.10 39.92
C ILE E 41 10.37 7.56 40.15
N GLY E 42 9.94 6.67 39.26
CA GLY E 42 8.63 6.07 39.37
C GLY E 42 8.57 4.76 38.64
N THR E 43 7.35 4.22 38.55
CA THR E 43 7.09 2.95 37.88
C THR E 43 6.04 3.18 36.81
N GLY E 44 6.43 3.06 35.54
CA GLY E 44 5.52 3.28 34.45
C GLY E 44 5.33 4.74 34.11
N GLU E 45 4.20 5.31 34.50
CA GLU E 45 3.95 6.74 34.34
C GLU E 45 4.76 7.49 35.39
N VAL E 46 5.93 7.97 35.00
CA VAL E 46 6.79 8.68 35.95
C VAL E 46 6.35 10.13 36.09
N ALA E 47 6.13 10.81 34.97
CA ALA E 47 5.73 12.21 34.97
C ALA E 47 4.58 12.40 33.99
N ARG E 48 3.57 13.15 34.42
CA ARG E 48 2.40 13.43 33.60
C ARG E 48 2.16 14.93 33.61
N PHE E 49 2.13 15.54 32.42
CA PHE E 49 1.93 16.96 32.25
C PHE E 49 0.61 17.16 31.52
N VAL E 50 -0.36 17.77 32.19
CA VAL E 50 -1.71 17.89 31.67
C VAL E 50 -1.99 19.36 31.38
N THR E 51 -2.38 19.64 30.13
CA THR E 51 -2.73 20.98 29.69
C THR E 51 -4.22 21.07 29.40
N SER E 52 -4.89 22.06 29.98
CA SER E 52 -6.29 22.34 29.68
C SER E 52 -6.44 23.34 28.54
N ALA E 53 -5.39 23.52 27.75
CA ALA E 53 -5.44 24.21 26.47
C ALA E 53 -4.35 23.61 25.61
N THR E 54 -4.20 24.12 24.39
CA THR E 54 -3.08 23.69 23.56
C THR E 54 -1.76 24.11 24.21
N GLY E 55 -0.83 23.18 24.30
CA GLY E 55 0.46 23.43 24.91
C GLY E 55 1.03 22.13 25.45
N GLY E 56 1.91 22.26 26.46
CA GLY E 56 2.52 21.10 27.08
C GLY E 56 3.86 21.35 27.72
N VAL E 57 4.90 20.68 27.23
CA VAL E 57 6.24 20.71 27.81
C VAL E 57 7.14 21.55 26.91
N VAL E 58 7.93 22.43 27.53
CA VAL E 58 8.89 23.28 26.83
C VAL E 58 10.29 22.93 27.31
N ILE E 59 11.18 22.65 26.36
CA ILE E 59 12.62 22.52 26.63
C ILE E 59 13.31 23.73 26.02
N ASP E 60 13.97 24.53 26.85
CA ASP E 60 14.48 25.83 26.47
C ASP E 60 15.94 25.95 26.88
N SER E 61 16.64 26.88 26.23
CA SER E 61 18.03 27.17 26.55
C SER E 61 18.20 28.67 26.78
N THR E 62 19.30 29.03 27.43
CA THR E 62 19.57 30.42 27.77
C THR E 62 20.36 31.16 26.70
N ALA E 63 20.83 30.48 25.66
CA ALA E 63 21.60 31.13 24.61
C ALA E 63 21.44 30.36 23.30
N LEU E 64 21.72 31.05 22.20
CA LEU E 64 21.56 30.46 20.88
C LEU E 64 22.53 29.32 20.61
N ASN E 65 23.68 29.31 21.28
CA ASN E 65 24.64 28.23 21.11
C ASN E 65 24.48 27.11 22.12
N TYR E 66 23.46 27.19 22.98
CA TYR E 66 23.10 26.08 23.87
C TYR E 66 21.92 25.35 23.27
N ASN E 67 22.04 24.03 23.14
CA ASN E 67 21.09 23.27 22.34
C ASN E 67 20.14 22.45 23.21
N PRO E 68 18.84 22.73 23.19
CA PRO E 68 17.90 21.94 24.00
C PRO E 68 17.68 20.56 23.39
N SER E 69 17.48 19.57 24.28
N SER E 69 17.46 19.59 24.28
CA SER E 69 17.46 18.19 23.84
CA SER E 69 17.45 18.20 23.84
C SER E 69 16.55 17.36 24.73
C SER E 69 16.55 17.35 24.74
N LEU E 70 15.94 16.34 24.13
CA LEU E 70 15.24 15.28 24.84
C LEU E 70 16.04 14.00 24.62
N ILE E 71 16.52 13.40 25.71
CA ILE E 71 17.46 12.28 25.63
C ILE E 71 16.80 11.04 26.22
N TYR E 72 16.84 9.94 25.46
CA TYR E 72 16.39 8.62 25.91
C TYR E 72 17.60 7.79 26.30
N ARG E 73 17.59 7.30 27.54
CA ARG E 73 18.67 6.48 28.10
C ARG E 73 18.09 5.19 28.65
N LYS E 74 18.95 4.17 28.70
CA LYS E 74 18.67 2.93 29.42
C LYS E 74 19.85 2.65 30.35
N THR E 75 19.54 2.36 31.62
CA THR E 75 20.57 2.30 32.67
C THR E 75 21.48 3.53 32.63
N ASN E 76 20.87 4.68 32.35
CA ASN E 76 21.55 5.97 32.31
C ASN E 76 22.65 6.03 31.25
N ILE E 77 22.47 5.29 30.15
CA ILE E 77 23.38 5.36 29.00
C ILE E 77 22.58 5.85 27.80
N ASN E 78 23.11 6.86 27.11
CA ASN E 78 22.43 7.42 25.95
C ASN E 78 22.08 6.35 24.94
N ARG E 79 20.85 6.40 24.45
CA ARG E 79 20.43 5.56 23.32
C ARG E 79 19.91 6.39 22.17
N TRP E 80 19.04 7.37 22.43
CA TRP E 80 18.53 8.21 21.36
C TRP E 80 18.36 9.62 21.87
N SER E 81 18.22 10.56 20.95
CA SER E 81 17.87 11.92 21.36
C SER E 81 17.19 12.65 20.22
N MET E 82 16.29 13.57 20.57
CA MET E 82 15.74 14.53 19.63
C MET E 82 16.09 15.92 20.13
N MET E 83 16.77 16.70 19.29
CA MET E 83 17.40 17.92 19.77
C MET E 83 17.47 18.95 18.67
N VAL E 84 17.53 20.22 19.06
CA VAL E 84 17.81 21.31 18.15
C VAL E 84 19.33 21.46 18.08
N ASN E 85 19.88 21.37 16.87
CA ASN E 85 21.32 21.16 16.74
C ASN E 85 22.09 22.47 16.73
N ALA E 86 23.40 22.37 16.54
CA ALA E 86 24.32 23.46 16.75
C ALA E 86 24.58 24.31 15.52
N ALA E 87 23.87 24.08 14.42
CA ALA E 87 24.05 24.92 13.24
C ALA E 87 23.79 26.38 13.59
N SER E 88 24.70 27.26 13.19
CA SER E 88 24.66 28.64 13.62
C SER E 88 23.47 29.39 13.02
N GLU E 89 22.86 30.24 13.84
CA GLU E 89 21.74 31.08 13.40
C GLU E 89 22.32 32.36 12.81
N THR E 90 22.64 32.31 11.53
CA THR E 90 23.27 33.43 10.84
C THR E 90 22.28 34.34 10.14
N GLY E 91 20.98 34.08 10.26
CA GLY E 91 19.99 34.91 9.61
C GLY E 91 19.16 34.16 8.59
N GLY E 92 17.97 34.66 8.29
CA GLY E 92 17.12 34.00 7.32
C GLY E 92 16.65 32.63 7.76
N ASN E 93 16.49 32.42 9.07
CA ASN E 93 16.06 31.17 9.67
C ASN E 93 17.07 30.04 9.49
N ALA E 94 18.32 30.38 9.20
CA ALA E 94 19.37 29.37 9.16
C ALA E 94 19.70 28.89 10.56
N GLY E 95 20.21 27.67 10.64
CA GLY E 95 20.66 27.10 11.90
C GLY E 95 19.53 26.56 12.75
N SER E 96 19.93 25.96 13.87
CA SER E 96 19.00 25.37 14.84
C SER E 96 18.02 24.41 14.17
N ASN E 97 18.59 23.39 13.55
CA ASN E 97 17.81 22.39 12.84
C ASN E 97 17.50 21.22 13.76
N LEU E 98 16.45 20.47 13.42
CA LEU E 98 15.99 19.40 14.29
C LEU E 98 16.70 18.10 13.94
N SER E 99 17.18 17.39 14.95
CA SER E 99 17.98 16.20 14.71
C SER E 99 17.58 15.07 15.64
N ILE E 100 17.52 13.87 15.08
CA ILE E 100 17.37 12.64 15.85
C ILE E 100 18.71 11.92 15.82
N LEU E 101 19.34 11.84 16.99
CA LEU E 101 20.66 11.25 17.15
C LEU E 101 20.55 9.85 17.73
N ARG E 102 21.43 8.96 17.28
CA ARG E 102 21.55 7.61 17.78
C ARG E 102 22.91 7.44 18.45
N TYR E 103 22.95 6.61 19.50
CA TYR E 103 24.14 6.43 20.31
C TYR E 103 24.48 4.94 20.41
N ASP E 104 25.76 4.66 20.57
CA ASP E 104 26.19 3.27 20.66
C ASP E 104 25.97 2.72 22.07
N ASP E 105 26.35 1.47 22.29
CA ASP E 105 26.03 0.78 23.53
C ASP E 105 26.70 1.42 24.74
N THR E 106 27.75 2.19 24.55
CA THR E 106 28.41 2.91 25.64
C THR E 106 28.00 4.38 25.71
N GLY E 107 27.08 4.82 24.86
CA GLY E 107 26.58 6.17 24.92
C GLY E 107 27.24 7.17 24.01
N ALA E 108 28.20 6.75 23.19
CA ALA E 108 28.85 7.67 22.27
C ALA E 108 27.98 7.89 21.04
N THR E 109 28.10 9.08 20.46
CA THR E 109 27.28 9.44 19.30
C THR E 109 27.68 8.62 18.08
N LEU E 110 26.69 8.04 17.41
CA LEU E 110 26.93 7.34 16.16
C LEU E 110 26.60 8.18 14.93
N GLY E 111 25.61 9.05 15.03
CA GLY E 111 25.26 9.90 13.92
C GLY E 111 23.85 10.44 14.07
N ALA E 112 23.48 11.27 13.09
CA ALA E 112 22.13 11.85 13.01
C ALA E 112 21.35 11.05 11.99
N ALA E 113 20.38 10.26 12.48
CA ALA E 113 19.54 9.51 11.57
C ALA E 113 18.65 10.42 10.74
N VAL E 114 18.14 11.50 11.36
CA VAL E 114 17.24 12.43 10.70
C VAL E 114 17.66 13.85 11.06
N THR E 115 17.63 14.74 10.07
CA THR E 115 17.84 16.17 10.27
C THR E 115 16.85 16.94 9.42
N ILE E 116 16.03 17.76 10.06
CA ILE E 116 15.06 18.60 9.38
C ILE E 116 15.57 20.03 9.42
N ASP E 117 15.71 20.63 8.23
CA ASP E 117 16.19 21.99 8.08
C ASP E 117 15.07 22.96 8.45
N ARG E 118 15.38 23.92 9.33
CA ARG E 118 14.36 24.85 9.81
C ARG E 118 13.97 25.86 8.74
N ALA E 119 14.94 26.33 7.95
CA ALA E 119 14.64 27.39 6.99
C ALA E 119 13.81 26.88 5.82
N SER E 120 14.05 25.66 5.39
CA SER E 120 13.39 25.11 4.20
C SER E 120 12.36 24.05 4.51
N GLY E 121 12.43 23.41 5.67
CA GLY E 121 11.61 22.25 5.95
C GLY E 121 12.10 20.97 5.33
N PHE E 122 13.25 20.98 4.66
CA PHE E 122 13.75 19.80 3.98
C PHE E 122 14.09 18.70 4.99
N PHE E 123 13.74 17.46 4.62
CA PHE E 123 13.86 16.29 5.49
C PHE E 123 15.05 15.46 5.02
N GLY E 124 16.09 15.38 5.85
CA GLY E 124 17.30 14.65 5.51
C GLY E 124 17.41 13.38 6.32
N ILE E 125 17.69 12.28 5.62
CA ILE E 125 17.97 10.99 6.23
C ILE E 125 19.45 10.74 6.04
N ASN E 126 20.17 10.58 7.16
CA ASN E 126 21.63 10.47 7.14
C ASN E 126 22.27 11.67 6.44
N THR E 127 21.61 12.83 6.50
CA THR E 127 22.04 14.02 5.79
C THR E 127 21.82 15.23 6.70
N ALA E 128 22.90 15.85 7.15
CA ALA E 128 22.77 16.96 8.09
C ALA E 128 22.35 18.26 7.40
N ALA E 129 22.58 18.38 6.09
CA ALA E 129 22.22 19.57 5.33
C ALA E 129 21.40 19.15 4.11
N PRO E 130 20.14 18.76 4.32
CA PRO E 130 19.31 18.32 3.19
C PRO E 130 19.10 19.45 2.19
N ALA E 131 19.16 19.09 0.90
CA ALA E 131 19.04 20.04 -0.19
C ALA E 131 17.83 19.77 -1.07
N TYR E 132 17.01 18.77 -0.74
CA TYR E 132 15.76 18.50 -1.40
C TYR E 132 14.71 18.22 -0.33
N ASN E 133 13.44 18.28 -0.71
CA ASN E 133 12.36 18.11 0.27
C ASN E 133 12.52 16.82 1.06
N ILE E 134 12.96 15.76 0.40
CA ILE E 134 13.54 14.59 1.07
C ILE E 134 14.91 14.35 0.44
N HIS E 135 15.91 14.09 1.29
CA HIS E 135 17.29 13.96 0.84
C HIS E 135 17.92 12.82 1.60
N VAL E 136 18.28 11.76 0.89
CA VAL E 136 18.81 10.53 1.50
C VAL E 136 20.26 10.35 1.05
N THR E 137 21.16 10.20 2.03
CA THR E 137 22.53 9.80 1.75
C THR E 137 22.65 8.31 2.06
N GLY E 138 22.73 7.49 1.01
CA GLY E 138 22.70 6.05 1.17
C GLY E 138 21.72 5.39 0.22
N THR E 139 21.16 4.26 0.63
CA THR E 139 20.32 3.43 -0.21
C THR E 139 18.84 3.67 0.07
N ALA E 140 18.00 3.18 -0.85
CA ALA E 140 16.56 3.36 -0.75
C ALA E 140 15.85 2.09 -1.22
N GLY E 141 14.97 1.57 -0.38
CA GLY E 141 14.22 0.36 -0.70
C GLY E 141 12.72 0.59 -0.61
N LEU E 142 11.99 0.09 -1.60
CA LEU E 142 10.54 0.18 -1.66
C LEU E 142 9.98 -1.20 -1.99
N SER E 143 8.99 -1.65 -1.20
CA SER E 143 8.54 -3.03 -1.31
C SER E 143 7.69 -3.29 -2.55
N THR E 144 7.09 -2.25 -3.14
CA THR E 144 6.10 -2.44 -4.20
C THR E 144 6.61 -2.09 -5.59
N GLY E 145 7.83 -1.60 -5.73
CA GLY E 145 8.34 -1.23 -7.04
C GLY E 145 9.56 -0.35 -6.91
N SER E 146 10.00 0.15 -8.07
CA SER E 146 11.21 0.96 -8.15
C SER E 146 10.94 2.43 -8.34
N ALA E 147 9.67 2.85 -8.41
CA ALA E 147 9.33 4.22 -8.77
C ALA E 147 8.47 4.87 -7.69
N TRP E 148 8.63 6.18 -7.55
CA TRP E 148 7.64 6.98 -6.86
C TRP E 148 6.34 7.00 -7.65
N THR E 149 5.22 7.04 -6.93
CA THR E 149 3.95 7.32 -7.57
C THR E 149 3.76 8.84 -7.66
N VAL E 150 3.48 9.33 -8.87
CA VAL E 150 3.33 10.77 -9.05
C VAL E 150 2.07 11.21 -8.32
N ALA E 151 2.23 12.03 -7.29
CA ALA E 151 1.12 12.42 -6.43
C ALA E 151 0.43 13.68 -6.93
N ASP F 5 -16.18 -10.35 -56.35
CA ASP F 5 -16.50 -10.05 -54.96
C ASP F 5 -15.85 -11.06 -54.01
N ALA F 6 -16.12 -12.35 -54.23
CA ALA F 6 -15.64 -13.37 -53.30
C ALA F 6 -15.39 -14.66 -54.05
N PHE F 7 -14.47 -15.46 -53.51
CA PHE F 7 -14.23 -16.83 -53.92
C PHE F 7 -14.67 -17.78 -52.81
N SER F 8 -15.22 -18.93 -53.17
CA SER F 8 -15.72 -19.87 -52.18
C SER F 8 -15.40 -21.31 -52.55
N LEU F 9 -15.23 -22.13 -51.52
CA LEU F 9 -15.05 -23.58 -51.63
C LEU F 9 -16.32 -24.25 -51.16
N SER F 10 -16.92 -25.09 -52.01
CA SER F 10 -18.16 -25.75 -51.63
C SER F 10 -18.16 -27.21 -52.07
N PHE F 11 -19.08 -27.97 -51.48
CA PHE F 11 -19.21 -29.40 -51.70
C PHE F 11 -20.55 -29.67 -52.37
N GLU F 12 -20.56 -30.61 -53.34
CA GLU F 12 -21.79 -30.95 -54.10
C GLU F 12 -22.74 -31.78 -53.23
N THR F 13 -22.23 -32.33 -52.12
CA THR F 13 -23.08 -33.04 -51.15
C THR F 13 -24.18 -32.08 -50.65
N ASN F 14 -23.84 -30.81 -50.42
CA ASN F 14 -24.82 -29.84 -49.86
C ASN F 14 -24.90 -28.57 -50.73
N ASN F 15 -23.96 -28.38 -51.64
CA ASN F 15 -23.92 -27.15 -52.48
C ASN F 15 -23.81 -25.92 -51.58
N THR F 16 -23.22 -26.07 -50.40
CA THR F 16 -23.08 -24.97 -49.47
C THR F 16 -21.63 -24.52 -49.41
N PRO F 17 -21.34 -23.23 -49.59
CA PRO F 17 -19.96 -22.76 -49.42
C PRO F 17 -19.52 -22.87 -47.97
N ARG F 18 -18.29 -23.36 -47.80
CA ARG F 18 -17.71 -23.69 -46.50
C ARG F 18 -16.59 -22.73 -46.11
N MET F 19 -15.86 -22.18 -47.08
CA MET F 19 -14.81 -21.22 -46.86
C MET F 19 -14.83 -20.18 -47.98
N THR F 20 -14.56 -18.93 -47.63
CA THR F 20 -14.66 -17.82 -48.56
C THR F 20 -13.47 -16.89 -48.37
N ILE F 21 -12.93 -16.39 -49.48
CA ILE F 21 -11.91 -15.35 -49.47
C ILE F 21 -12.40 -14.23 -50.37
N ASP F 22 -12.58 -13.04 -49.81
CA ASP F 22 -13.15 -11.93 -50.56
C ASP F 22 -12.05 -11.05 -51.16
N ASP F 23 -12.49 -10.02 -51.90
CA ASP F 23 -11.57 -9.20 -52.67
C ASP F 23 -10.62 -8.40 -51.78
N VAL F 24 -11.04 -8.06 -50.56
CA VAL F 24 -10.17 -7.30 -49.66
C VAL F 24 -9.32 -8.21 -48.78
N GLY F 25 -9.41 -9.53 -48.94
CA GLY F 25 -8.52 -10.45 -48.27
C GLY F 25 -9.03 -11.07 -47.01
N ARG F 26 -10.31 -10.91 -46.68
CA ARG F 26 -10.87 -11.47 -45.46
C ARG F 26 -11.31 -12.91 -45.71
N VAL F 27 -11.10 -13.76 -44.71
CA VAL F 27 -11.37 -15.20 -44.81
C VAL F 27 -12.52 -15.54 -43.90
N GLY F 28 -13.57 -16.11 -44.48
CA GLY F 28 -14.76 -16.54 -43.73
C GLY F 28 -14.88 -18.04 -43.73
N VAL F 29 -15.19 -18.59 -42.56
CA VAL F 29 -15.46 -20.03 -42.39
C VAL F 29 -16.89 -20.15 -41.90
N GLY F 30 -17.79 -20.57 -42.79
CA GLY F 30 -19.20 -20.62 -42.48
C GLY F 30 -19.95 -19.35 -42.79
N THR F 31 -19.29 -18.34 -43.34
CA THR F 31 -19.94 -17.12 -43.82
C THR F 31 -19.33 -16.73 -45.16
N THR F 32 -20.19 -16.29 -46.07
CA THR F 32 -19.72 -15.76 -47.34
C THR F 32 -19.47 -14.26 -47.29
N ALA F 33 -19.69 -13.62 -46.14
CA ALA F 33 -19.47 -12.19 -45.97
C ALA F 33 -18.63 -11.96 -44.72
N PRO F 34 -17.35 -12.33 -44.74
CA PRO F 34 -16.50 -12.11 -43.57
C PRO F 34 -16.28 -10.62 -43.34
N THR F 35 -16.28 -10.23 -42.06
CA THR F 35 -16.10 -8.84 -41.67
C THR F 35 -14.79 -8.61 -40.90
N SER F 36 -13.95 -9.64 -40.80
CA SER F 36 -12.64 -9.50 -40.19
C SER F 36 -11.67 -10.38 -40.95
N ALA F 37 -10.38 -10.25 -40.65
CA ALA F 37 -9.36 -11.03 -41.36
C ALA F 37 -9.66 -12.51 -41.34
N LEU F 38 -10.10 -13.01 -40.18
CA LEU F 38 -10.63 -14.36 -40.06
C LEU F 38 -11.97 -14.29 -39.34
N HIS F 39 -13.00 -14.86 -39.96
CA HIS F 39 -14.37 -14.77 -39.46
C HIS F 39 -14.98 -16.16 -39.49
N VAL F 40 -15.24 -16.74 -38.32
CA VAL F 40 -15.69 -18.12 -38.19
C VAL F 40 -17.05 -18.13 -37.50
N ILE F 41 -18.00 -18.87 -38.07
CA ILE F 41 -19.30 -19.08 -37.47
C ILE F 41 -19.52 -20.57 -37.26
N GLY F 42 -20.04 -20.92 -36.09
CA GLY F 42 -20.36 -22.29 -35.76
C GLY F 42 -21.43 -22.34 -34.69
N THR F 43 -21.74 -23.56 -34.26
CA THR F 43 -22.75 -23.78 -33.22
C THR F 43 -22.04 -24.33 -31.99
N GLY F 44 -22.02 -23.54 -30.91
CA GLY F 44 -21.39 -23.95 -29.68
C GLY F 44 -19.88 -23.87 -29.74
N GLU F 45 -19.22 -25.00 -29.97
CA GLU F 45 -17.77 -25.03 -30.12
C GLU F 45 -17.42 -24.45 -31.49
N VAL F 46 -17.07 -23.17 -31.53
CA VAL F 46 -16.75 -22.51 -32.78
C VAL F 46 -15.29 -22.75 -33.15
N ALA F 47 -14.37 -22.39 -32.25
CA ALA F 47 -12.94 -22.54 -32.49
C ALA F 47 -12.31 -23.28 -31.33
N ARG F 48 -11.43 -24.23 -31.64
CA ARG F 48 -10.79 -25.06 -30.65
C ARG F 48 -9.29 -25.08 -30.94
N PHE F 49 -8.49 -24.61 -29.98
CA PHE F 49 -7.04 -24.54 -30.12
C PHE F 49 -6.43 -25.51 -29.12
N VAL F 50 -5.77 -26.54 -29.63
CA VAL F 50 -5.29 -27.65 -28.81
C VAL F 50 -3.76 -27.63 -28.82
N THR F 51 -3.17 -27.62 -27.63
CA THR F 51 -1.72 -27.59 -27.48
C THR F 51 -1.23 -28.88 -26.81
N SER F 52 -0.21 -29.49 -27.40
CA SER F 52 0.42 -30.68 -26.85
C SER F 52 1.55 -30.35 -25.89
N ALA F 53 1.57 -29.13 -25.37
CA ALA F 53 2.47 -28.71 -24.31
C ALA F 53 1.80 -27.51 -23.63
N THR F 54 2.48 -26.94 -22.65
CA THR F 54 2.00 -25.68 -22.09
C THR F 54 2.01 -24.61 -23.17
N GLY F 55 0.90 -23.88 -23.30
CA GLY F 55 0.77 -22.87 -24.32
C GLY F 55 -0.69 -22.53 -24.55
N GLY F 56 -0.97 -22.05 -25.76
CA GLY F 56 -2.34 -21.72 -26.12
C GLY F 56 -2.43 -20.66 -27.20
N VAL F 57 -3.16 -19.57 -26.90
CA VAL F 57 -3.45 -18.52 -27.85
C VAL F 57 -2.67 -17.26 -27.46
N VAL F 58 -2.11 -16.58 -28.46
CA VAL F 58 -1.41 -15.32 -28.26
C VAL F 58 -2.16 -14.22 -29.01
N ILE F 59 -2.46 -13.13 -28.31
CA ILE F 59 -2.98 -11.91 -28.93
C ILE F 59 -1.89 -10.85 -28.82
N ASP F 60 -1.43 -10.36 -29.97
CA ASP F 60 -0.25 -9.52 -30.06
C ASP F 60 -0.55 -8.26 -30.85
N SER F 61 0.24 -7.22 -30.60
CA SER F 61 0.15 -5.96 -31.33
C SER F 61 1.49 -5.63 -31.95
N THR F 62 1.47 -4.86 -33.04
CA THR F 62 2.68 -4.54 -33.77
C THR F 62 3.46 -3.37 -33.19
N ALA F 63 2.88 -2.64 -32.23
CA ALA F 63 3.57 -1.51 -31.62
C ALA F 63 3.05 -1.32 -30.20
N LEU F 64 3.87 -0.65 -29.39
CA LEU F 64 3.52 -0.47 -27.97
C LEU F 64 2.28 0.39 -27.79
N ASN F 65 1.93 1.24 -28.75
CA ASN F 65 0.76 2.08 -28.64
C ASN F 65 -0.50 1.42 -29.20
N TYR F 66 -0.42 0.17 -29.67
CA TYR F 66 -1.58 -0.60 -30.08
C TYR F 66 -1.93 -1.60 -28.99
N ASN F 67 -3.21 -1.75 -28.72
CA ASN F 67 -3.68 -2.49 -27.55
C ASN F 67 -4.27 -3.83 -27.95
N PRO F 68 -3.64 -4.95 -27.60
CA PRO F 68 -4.25 -6.27 -27.87
C PRO F 68 -5.43 -6.51 -26.95
N SER F 69 -6.51 -7.05 -27.50
CA SER F 69 -7.77 -7.13 -26.78
C SER F 69 -8.50 -8.43 -27.10
N LEU F 70 -9.20 -8.94 -26.08
CA LEU F 70 -10.22 -9.96 -26.24
C LEU F 70 -11.56 -9.28 -26.01
N ILE F 71 -12.44 -9.33 -27.01
CA ILE F 71 -13.69 -8.57 -26.99
C ILE F 71 -14.87 -9.53 -27.07
N TYR F 72 -15.82 -9.37 -26.15
CA TYR F 72 -17.06 -10.11 -26.11
C TYR F 72 -18.20 -9.25 -26.62
N ARG F 73 -18.92 -9.76 -27.62
CA ARG F 73 -20.03 -9.07 -28.25
C ARG F 73 -21.26 -9.98 -28.24
N LYS F 74 -22.43 -9.35 -28.29
CA LYS F 74 -23.70 -10.02 -28.53
C LYS F 74 -24.39 -9.34 -29.70
N THR F 75 -24.79 -10.14 -30.71
CA THR F 75 -25.28 -9.62 -31.99
C THR F 75 -24.33 -8.56 -32.54
N ASN F 76 -23.03 -8.81 -32.38
CA ASN F 76 -21.95 -7.97 -32.89
C ASN F 76 -21.97 -6.57 -32.26
N ILE F 77 -22.40 -6.47 -31.00
CA ILE F 77 -22.33 -5.23 -30.24
C ILE F 77 -21.46 -5.46 -29.02
N ASN F 78 -20.48 -4.59 -28.81
CA ASN F 78 -19.56 -4.72 -27.69
C ASN F 78 -20.32 -4.87 -26.37
N ARG F 79 -19.87 -5.81 -25.55
CA ARG F 79 -20.41 -5.98 -24.22
C ARG F 79 -19.30 -5.92 -23.18
N TRP F 80 -18.21 -6.67 -23.42
CA TRP F 80 -17.11 -6.66 -22.47
C TRP F 80 -15.80 -6.78 -23.21
N SER F 81 -14.71 -6.43 -22.54
N SER F 81 -14.71 -6.42 -22.53
CA SER F 81 -13.40 -6.65 -23.15
CA SER F 81 -13.39 -6.59 -23.12
C SER F 81 -12.35 -6.75 -22.06
C SER F 81 -12.35 -6.77 -22.03
N MET F 82 -11.34 -7.58 -22.32
CA MET F 82 -10.15 -7.69 -21.48
C MET F 82 -8.95 -7.37 -22.37
N MET F 83 -8.20 -6.35 -21.99
CA MET F 83 -7.20 -5.82 -22.91
C MET F 83 -6.02 -5.25 -22.13
N VAL F 84 -4.92 -5.05 -22.85
CA VAL F 84 -3.74 -4.38 -22.33
C VAL F 84 -3.78 -2.94 -22.82
N ASN F 85 -3.89 -1.99 -21.90
CA ASN F 85 -4.20 -0.62 -22.28
C ASN F 85 -2.94 0.10 -22.78
N ALA F 86 -3.11 1.39 -23.10
CA ALA F 86 -2.09 2.17 -23.79
C ALA F 86 -1.29 3.07 -22.85
N ALA F 87 -1.30 2.79 -21.55
CA ALA F 87 -0.45 3.55 -20.63
C ALA F 87 1.01 3.42 -21.05
N SER F 88 1.73 4.54 -21.03
CA SER F 88 3.04 4.61 -21.65
C SER F 88 4.06 3.74 -20.91
N GLU F 89 4.86 3.00 -21.68
CA GLU F 89 5.93 2.17 -21.15
C GLU F 89 7.20 3.02 -21.05
N THR F 90 7.27 3.80 -19.98
CA THR F 90 8.38 4.72 -19.77
C THR F 90 9.55 4.10 -19.01
N GLY F 91 9.48 2.81 -18.69
CA GLY F 91 10.56 2.16 -17.98
C GLY F 91 10.14 1.60 -16.63
N GLY F 92 10.89 0.60 -16.14
CA GLY F 92 10.59 0.04 -14.85
C GLY F 92 9.25 -0.67 -14.78
N ASN F 93 8.80 -1.24 -15.89
CA ASN F 93 7.55 -1.97 -16.05
C ASN F 93 6.32 -1.08 -15.95
N ALA F 94 6.49 0.24 -16.06
CA ALA F 94 5.34 1.13 -16.14
C ALA F 94 4.59 0.92 -17.45
N GLY F 95 3.29 1.18 -17.42
CA GLY F 95 2.49 1.13 -18.62
C GLY F 95 1.99 -0.28 -18.94
N SER F 96 1.17 -0.34 -19.99
CA SER F 96 0.58 -1.58 -20.49
C SER F 96 -0.07 -2.38 -19.35
N ASN F 97 -1.07 -1.76 -18.75
CA ASN F 97 -1.79 -2.36 -17.63
C ASN F 97 -3.03 -3.10 -18.14
N LEU F 98 -3.51 -4.05 -17.34
CA LEU F 98 -4.62 -4.89 -17.77
C LEU F 98 -5.93 -4.24 -17.37
N SER F 99 -6.88 -4.18 -18.30
CA SER F 99 -8.17 -3.57 -18.02
C SER F 99 -9.29 -4.49 -18.48
N ILE F 100 -10.31 -4.60 -17.63
CA ILE F 100 -11.59 -5.17 -18.00
C ILE F 100 -12.57 -4.03 -18.14
N LEU F 101 -13.05 -3.83 -19.38
CA LEU F 101 -13.94 -2.77 -19.78
C LEU F 101 -15.34 -3.32 -20.01
N ARG F 102 -16.34 -2.53 -19.65
CA ARG F 102 -17.75 -2.81 -19.91
C ARG F 102 -18.28 -1.81 -20.93
N TYR F 103 -19.31 -2.23 -21.68
CA TYR F 103 -19.88 -1.41 -22.74
C TYR F 103 -21.39 -1.36 -22.60
N ASP F 104 -21.98 -0.24 -23.03
CA ASP F 104 -23.42 -0.08 -22.90
C ASP F 104 -24.13 -0.83 -24.02
N ASP F 105 -25.47 -0.73 -24.02
CA ASP F 105 -26.27 -1.54 -24.93
C ASP F 105 -26.00 -1.24 -26.40
N THR F 106 -25.51 -0.03 -26.70
CA THR F 106 -25.18 0.32 -28.08
C THR F 106 -23.70 0.14 -28.40
N GLY F 107 -22.91 -0.39 -27.48
CA GLY F 107 -21.51 -0.71 -27.74
C GLY F 107 -20.51 0.34 -27.32
N ALA F 108 -20.94 1.44 -26.72
CA ALA F 108 -20.02 2.48 -26.28
C ALA F 108 -19.45 2.14 -24.90
N THR F 109 -18.22 2.58 -24.67
CA THR F 109 -17.53 2.22 -23.44
C THR F 109 -18.21 2.84 -22.22
N LEU F 110 -18.30 2.05 -21.16
CA LEU F 110 -18.74 2.53 -19.85
C LEU F 110 -17.58 2.64 -18.87
N GLY F 111 -16.35 2.40 -19.32
CA GLY F 111 -15.18 2.54 -18.50
C GLY F 111 -14.58 1.19 -18.11
N ALA F 112 -13.43 1.27 -17.45
CA ALA F 112 -12.74 0.09 -16.97
C ALA F 112 -13.33 -0.34 -15.63
N ALA F 113 -14.03 -1.47 -15.63
CA ALA F 113 -14.48 -2.02 -14.35
C ALA F 113 -13.31 -2.49 -13.51
N VAL F 114 -12.27 -3.03 -14.16
CA VAL F 114 -11.11 -3.53 -13.42
C VAL F 114 -9.84 -3.03 -14.09
N THR F 115 -8.86 -2.63 -13.28
CA THR F 115 -7.54 -2.28 -13.80
C THR F 115 -6.47 -2.89 -12.90
N ILE F 116 -5.59 -3.70 -13.47
CA ILE F 116 -4.46 -4.28 -12.75
C ILE F 116 -3.19 -3.62 -13.25
N ASP F 117 -2.41 -3.09 -12.31
CA ASP F 117 -1.15 -2.44 -12.64
C ASP F 117 -0.05 -3.48 -12.85
N ARG F 118 0.68 -3.33 -13.95
CA ARG F 118 1.70 -4.32 -14.30
C ARG F 118 2.93 -4.20 -13.39
N ALA F 119 3.32 -2.98 -13.04
CA ALA F 119 4.54 -2.81 -12.25
C ALA F 119 4.36 -3.32 -10.83
N SER F 120 3.21 -3.04 -10.21
CA SER F 120 3.02 -3.36 -8.81
C SER F 120 2.12 -4.57 -8.57
N GLY F 121 1.32 -4.96 -9.56
CA GLY F 121 0.32 -5.98 -9.34
C GLY F 121 -0.92 -5.50 -8.63
N PHE F 122 -1.04 -4.20 -8.36
CA PHE F 122 -2.20 -3.68 -7.63
C PHE F 122 -3.48 -3.88 -8.42
N PHE F 123 -4.53 -4.30 -7.72
CA PHE F 123 -5.82 -4.65 -8.29
C PHE F 123 -6.82 -3.53 -7.97
N GLY F 124 -7.29 -2.83 -9.00
CA GLY F 124 -8.18 -1.71 -8.82
C GLY F 124 -9.56 -2.03 -9.38
N ILE F 125 -10.57 -1.75 -8.55
CA ILE F 125 -11.97 -1.88 -8.94
C ILE F 125 -12.53 -0.48 -9.05
N ASN F 126 -12.97 -0.11 -10.25
CA ASN F 126 -13.47 1.23 -10.54
C ASN F 126 -12.40 2.29 -10.24
N THR F 127 -11.13 1.92 -10.38
CA THR F 127 -10.01 2.78 -10.00
C THR F 127 -8.98 2.79 -11.12
N ALA F 128 -8.71 3.98 -11.67
CA ALA F 128 -7.81 4.08 -12.82
C ALA F 128 -6.37 3.81 -12.44
N ALA F 129 -5.93 4.28 -11.28
CA ALA F 129 -4.55 4.15 -10.82
C ALA F 129 -4.55 3.57 -9.42
N PRO F 130 -4.65 2.25 -9.30
CA PRO F 130 -4.69 1.64 -7.96
C PRO F 130 -3.40 1.92 -7.18
N ALA F 131 -3.57 2.27 -5.91
CA ALA F 131 -2.45 2.55 -5.02
C ALA F 131 -2.40 1.58 -3.85
N TYR F 132 -3.26 0.55 -3.86
CA TYR F 132 -3.29 -0.48 -2.83
C TYR F 132 -3.40 -1.83 -3.53
N ASN F 133 -3.01 -2.89 -2.83
CA ASN F 133 -3.07 -4.22 -3.43
C ASN F 133 -4.49 -4.54 -3.88
N ILE F 134 -5.49 -4.09 -3.14
CA ILE F 134 -6.85 -3.94 -3.64
C ILE F 134 -7.30 -2.52 -3.36
N HIS F 135 -7.81 -1.85 -4.39
CA HIS F 135 -8.17 -0.44 -4.30
C HIS F 135 -9.54 -0.28 -4.94
N VAL F 136 -10.54 0.10 -4.14
CA VAL F 136 -11.92 0.19 -4.59
C VAL F 136 -12.37 1.64 -4.49
N THR F 137 -12.87 2.18 -5.60
CA THR F 137 -13.50 3.50 -5.61
C THR F 137 -15.02 3.28 -5.57
N GLY F 138 -15.63 3.58 -4.43
CA GLY F 138 -17.04 3.34 -4.23
C GLY F 138 -17.31 2.59 -2.95
N THR F 139 -18.32 1.73 -2.97
CA THR F 139 -18.79 1.04 -1.77
C THR F 139 -18.23 -0.38 -1.70
N ALA F 140 -18.32 -0.96 -0.51
CA ALA F 140 -17.83 -2.31 -0.25
C ALA F 140 -18.84 -3.04 0.63
N GLY F 141 -19.22 -4.24 0.21
CA GLY F 141 -20.17 -5.04 0.96
C GLY F 141 -19.65 -6.43 1.25
N LEU F 142 -19.85 -6.87 2.49
CA LEU F 142 -19.41 -8.18 2.95
C LEU F 142 -20.55 -8.84 3.71
N SER F 143 -20.85 -10.09 3.35
CA SER F 143 -22.01 -10.75 3.93
C SER F 143 -21.82 -11.11 5.40
N THR F 144 -20.58 -11.25 5.86
CA THR F 144 -20.32 -11.81 7.18
C THR F 144 -19.93 -10.77 8.23
N GLY F 145 -19.64 -9.53 7.85
CA GLY F 145 -19.28 -8.54 8.84
C GLY F 145 -18.81 -7.26 8.18
N SER F 146 -18.26 -6.39 9.01
CA SER F 146 -17.83 -5.06 8.59
C SER F 146 -16.32 -4.92 8.51
N ALA F 147 -15.56 -5.96 8.83
CA ALA F 147 -14.11 -5.86 8.92
C ALA F 147 -13.44 -6.97 8.13
N TRP F 148 -12.25 -6.67 7.62
CA TRP F 148 -11.37 -7.72 7.15
C TRP F 148 -10.97 -8.62 8.31
N THR F 149 -10.75 -9.89 8.01
CA THR F 149 -10.11 -10.80 8.96
C THR F 149 -8.61 -10.71 8.76
N VAL F 150 -7.87 -10.50 9.85
CA VAL F 150 -6.43 -10.41 9.78
C VAL F 150 -5.88 -11.78 9.37
N ALA F 151 -5.32 -11.86 8.16
CA ALA F 151 -4.88 -13.14 7.62
C ALA F 151 -3.44 -13.46 8.02
C1 EDO G . -0.06 -9.45 -7.27
O1 EDO G . -0.99 -8.39 -7.51
C2 EDO G . 1.20 -9.26 -8.08
O2 EDO G . 1.52 -10.44 -8.82
#